data_3SKJ
#
_entry.id   3SKJ
#
_cell.length_a   78.940
_cell.length_b   120.859
_cell.length_c   286.238
_cell.angle_alpha   90.00
_cell.angle_beta   90.00
_cell.angle_gamma   90.00
#
_symmetry.space_group_name_H-M   'C 2 2 21'
#
loop_
_entity.id
_entity.type
_entity.pdbx_description
1 polymer 'Antibody, light chain'
2 polymer 'Antibody, heavy chain'
3 polymer 'Ephrin type-A receptor 2'
4 water water
#
loop_
_entity_poly.entity_id
_entity_poly.type
_entity_poly.pdbx_seq_one_letter_code
_entity_poly.pdbx_strand_id
1 'polypeptide(L)'
;DIQMTQSPSSLSASVGDRVTITCRASQSISTWLAWYQQKPGKAPKLLIYKASNLHTGVPSRFSGSGSGTEFSLTISGLQP
DDFATYYCQQYNSYSRTFGQGTKVEIKRTVAAPSVFIFPPSDEQLKSGTASVVCLLNNFYPREAKVQWKVDNALQSGNSQ
ESVTEQDSKDSTYSLSSTLTLSKADYEKHKVYACEVTHQGLSSPVTKSFNRGEC
;
L,M
2 'polypeptide(L)'
;EVQLLESGGGLVQPGGSLRLSCAASGFTFSHYMMAWVRQAPGKGLEWVSRIGPSGGPTHYADSVKGRFTISRDNSKNTLY
LQMNSLRAEDTAVYYCAGYDSGYDYVAVAGPAEYFQHWGQGTLVTVSSASTKGPSVFPLAPSSKSTSGGTAALGCLVKDY
FPEPVTVSWNSGALTSGVHTFPAVLQSSGLYSLSSVVTVPSSSLGTQTYICNVNHKPSNTKVDKRVEPKSC
;
H,I
3 'polypeptide(L)'
;APEHHHHHHDYDIPTTENLYFQGAMDAAQGKEVVLLDFAAAGGELGWLTHPYGKGWDLMQNIMNDMPIYMYSVCNVMSGD
QDNWLRTNWVYRGEAERIFIELKFTVRDCNSFPGGASSCKETFNLYYAESDLDYGTNFQKRLFTKIDTIAPDEITVSSDF
EARHVKLNVEERSVGPLTRKGFYLAFQDIGACVALLSVRVYYKKCP
;
E,F
#
# COMPACT_ATOMS: atom_id res chain seq x y z
N ASP A 1 -2.24 -0.10 -4.56
CA ASP A 1 -2.77 -1.15 -3.64
C ASP A 1 -3.85 -0.56 -2.75
N ILE A 2 -4.56 -1.43 -2.03
CA ILE A 2 -5.56 -0.97 -1.06
C ILE A 2 -4.86 -0.64 0.25
N GLN A 3 -4.98 0.62 0.68
CA GLN A 3 -4.47 1.05 1.98
C GLN A 3 -5.59 0.98 3.07
N MET A 4 -5.22 0.52 4.26
CA MET A 4 -6.12 0.47 5.42
C MET A 4 -5.73 1.50 6.46
N THR A 5 -6.68 2.22 7.02
CA THR A 5 -6.30 3.24 7.98
C THR A 5 -7.14 3.19 9.24
N GLN A 6 -6.47 2.88 10.34
CA GLN A 6 -7.17 2.70 11.60
C GLN A 6 -7.28 4.03 12.36
N SER A 7 -8.40 4.24 13.04
CA SER A 7 -8.50 5.41 13.95
C SER A 7 -9.13 5.00 15.27
N PRO A 8 -8.90 5.81 16.29
CA PRO A 8 -7.66 6.49 16.59
C PRO A 8 -6.50 5.56 16.75
N SER A 9 -5.29 6.13 16.69
CA SER A 9 -4.06 5.33 16.79
C SER A 9 -3.81 4.86 18.23
N SER A 10 -4.22 5.68 19.20
CA SER A 10 -4.34 5.23 20.58
C SER A 10 -5.58 5.75 21.24
N LEU A 11 -5.99 5.01 22.25
CA LEU A 11 -7.24 5.22 22.93
C LEU A 11 -7.10 4.86 24.42
N SER A 12 -7.74 5.65 25.27
CA SER A 12 -7.72 5.44 26.72
C SER A 12 -9.09 5.11 27.23
N ALA A 13 -9.21 3.98 27.91
CA ALA A 13 -10.51 3.54 28.39
C ALA A 13 -10.40 3.03 29.82
N SER A 14 -11.51 2.99 30.54
CA SER A 14 -11.59 2.33 31.82
C SER A 14 -12.35 1.03 31.68
N VAL A 15 -12.14 0.12 32.63
CA VAL A 15 -12.80 -1.18 32.56
C VAL A 15 -14.26 -0.92 32.74
N GLY A 16 -15.10 -1.70 32.06
CA GLY A 16 -16.52 -1.47 32.06
C GLY A 16 -16.97 -0.59 30.91
N ASP A 17 -16.03 0.10 30.26
CA ASP A 17 -16.38 1.07 29.23
C ASP A 17 -16.82 0.35 27.95
N ARG A 18 -17.43 1.09 27.06
CA ARG A 18 -17.72 0.60 25.73
C ARG A 18 -16.91 1.41 24.76
N VAL A 19 -15.97 0.76 24.08
CA VAL A 19 -15.15 1.46 23.10
C VAL A 19 -15.26 0.91 21.68
N THR A 20 -15.19 1.85 20.74
CA THR A 20 -15.38 1.61 19.31
C THR A 20 -14.10 2.06 18.58
N ILE A 21 -13.52 1.18 17.79
CA ILE A 21 -12.32 1.47 16.97
C ILE A 21 -12.71 1.44 15.50
N THR A 22 -12.14 2.33 14.72
CA THR A 22 -12.54 2.47 13.33
C THR A 22 -11.47 1.95 12.37
N CYS A 23 -11.92 1.40 11.26
CA CYS A 23 -11.04 1.00 10.21
C CYS A 23 -11.60 1.40 8.87
N ARG A 24 -10.83 2.12 8.07
CA ARG A 24 -11.28 2.63 6.79
C ARG A 24 -10.41 2.12 5.66
N ALA A 25 -11.04 1.83 4.53
CA ALA A 25 -10.33 1.34 3.36
C ALA A 25 -10.26 2.47 2.34
N SER A 26 -9.16 2.60 1.61
CA SER A 26 -9.04 3.64 0.56
C SER A 26 -9.84 3.30 -0.69
N GLN A 27 -10.35 2.09 -0.74
CA GLN A 27 -11.24 1.70 -1.83
C GLN A 27 -12.00 0.53 -1.29
N SER A 28 -13.07 0.15 -1.97
CA SER A 28 -13.94 -0.87 -1.40
C SER A 28 -13.38 -2.26 -1.22
N ILE A 29 -13.80 -2.90 -0.15
CA ILE A 29 -13.36 -4.25 0.15
C ILE A 29 -14.53 -5.17 0.52
N SER A 30 -15.75 -4.87 0.07
CA SER A 30 -16.86 -5.75 0.42
C SER A 30 -16.79 -6.06 1.90
N THR A 31 -17.12 -7.25 2.34
CA THR A 31 -17.08 -7.49 3.79
C THR A 31 -15.84 -8.27 4.18
N TRP A 32 -14.82 -8.31 3.31
CA TRP A 32 -13.65 -9.12 3.61
C TRP A 32 -12.62 -8.42 4.48
N LEU A 33 -12.98 -8.36 5.75
CA LEU A 33 -12.15 -7.68 6.72
C LEU A 33 -12.05 -8.54 7.97
N ALA A 34 -10.86 -8.57 8.57
CA ALA A 34 -10.63 -9.32 9.78
C ALA A 34 -10.05 -8.40 10.81
N TRP A 35 -10.31 -8.71 12.09
CA TRP A 35 -9.79 -7.95 13.25
C TRP A 35 -8.99 -8.88 14.11
N TYR A 36 -7.85 -8.39 14.60
CA TYR A 36 -6.97 -9.15 15.45
C TYR A 36 -6.61 -8.38 16.71
N GLN A 37 -6.30 -9.12 17.76
CA GLN A 37 -5.79 -8.57 19.03
C GLN A 37 -4.33 -8.99 19.21
N GLN A 38 -3.51 -8.11 19.76
CA GLN A 38 -2.14 -8.46 20.08
C GLN A 38 -1.74 -7.83 21.40
N LYS A 39 -1.38 -8.64 22.39
CA LYS A 39 -0.77 -8.09 23.59
C LYS A 39 0.72 -8.09 23.37
N PRO A 40 1.49 -7.27 24.10
CA PRO A 40 2.96 -7.18 23.87
C PRO A 40 3.76 -8.48 24.10
N GLY A 41 4.65 -8.79 23.17
CA GLY A 41 5.52 -9.96 23.24
C GLY A 41 4.75 -11.24 22.97
N LYS A 42 3.60 -11.14 22.30
CA LYS A 42 2.77 -12.31 22.03
C LYS A 42 2.25 -12.27 20.60
N ALA A 43 1.93 -13.43 20.05
CA ALA A 43 1.31 -13.55 18.73
C ALA A 43 -0.08 -12.93 18.69
N PRO A 44 -0.49 -12.42 17.55
CA PRO A 44 -1.85 -11.97 17.46
C PRO A 44 -2.82 -13.13 17.46
N LYS A 45 -4.09 -12.83 17.71
CA LYS A 45 -5.17 -13.83 17.69
C LYS A 45 -6.38 -13.23 16.95
N LEU A 46 -7.04 -14.04 16.13
CA LEU A 46 -8.19 -13.57 15.34
C LEU A 46 -9.37 -13.34 16.25
N LEU A 47 -10.03 -12.21 16.08
CA LEU A 47 -11.25 -11.88 16.82
C LEU A 47 -12.48 -12.05 15.92
N ILE A 48 -12.45 -11.37 14.77
CA ILE A 48 -13.56 -11.29 13.85
C ILE A 48 -13.12 -11.45 12.40
N TYR A 49 -14.03 -12.03 11.58
CA TYR A 49 -13.83 -12.14 10.13
C TYR A 49 -15.18 -11.90 9.42
N LYS A 50 -15.18 -11.69 8.10
CA LYS A 50 -16.43 -11.38 7.40
C LYS A 50 -16.94 -10.02 7.80
N ALA A 51 -16.16 -9.30 8.53
CA ALA A 51 -16.58 -8.01 8.94
C ALA A 51 -17.77 -8.02 9.88
N SER A 52 -17.86 -9.10 10.64
CA SER A 52 -18.86 -9.21 11.71
C SER A 52 -19.05 -10.60 12.34
N ASN A 53 -18.43 -11.63 11.78
CA ASN A 53 -18.51 -12.97 12.35
C ASN A 53 -17.45 -13.18 13.40
N LEU A 54 -17.87 -13.73 14.55
CA LEU A 54 -17.00 -13.97 15.69
C LEU A 54 -16.25 -15.25 15.41
N HIS A 55 -14.91 -15.23 15.51
CA HIS A 55 -14.18 -16.51 15.55
C HIS A 55 -14.64 -17.42 16.74
N THR A 56 -14.53 -18.72 16.60
CA THR A 56 -14.82 -19.65 17.69
C THR A 56 -14.01 -19.32 18.94
N GLY A 57 -14.65 -19.36 20.08
CA GLY A 57 -13.97 -19.07 21.33
C GLY A 57 -13.90 -17.61 21.73
N VAL A 58 -14.24 -16.68 20.82
CA VAL A 58 -14.04 -15.25 21.08
C VAL A 58 -15.23 -14.69 21.83
N PRO A 59 -15.00 -14.00 22.95
CA PRO A 59 -16.16 -13.55 23.77
C PRO A 59 -17.16 -12.66 22.99
N SER A 60 -18.45 -12.76 23.28
CA SER A 60 -19.46 -12.02 22.50
C SER A 60 -19.52 -10.52 22.82
N ARG A 61 -18.65 -10.03 23.69
CA ARG A 61 -18.51 -8.60 23.91
C ARG A 61 -17.78 -7.89 22.80
N PHE A 62 -17.10 -8.66 21.92
CA PHE A 62 -16.54 -8.10 20.67
C PHE A 62 -17.61 -8.20 19.60
N SER A 63 -17.69 -7.17 18.76
CA SER A 63 -18.57 -7.16 17.64
C SER A 63 -18.00 -6.25 16.58
N GLY A 64 -18.25 -6.55 15.33
CA GLY A 64 -17.73 -5.76 14.23
C GLY A 64 -18.87 -5.39 13.32
N SER A 65 -18.77 -4.28 12.64
CA SER A 65 -19.71 -3.91 11.63
C SER A 65 -19.01 -3.19 10.49
N GLY A 66 -19.80 -2.94 9.45
CA GLY A 66 -19.37 -2.17 8.29
C GLY A 66 -19.32 -2.99 7.02
N SER A 67 -19.01 -2.27 5.94
CA SER A 67 -18.84 -2.82 4.61
C SER A 67 -18.26 -1.74 3.67
N GLY A 68 -17.90 -2.16 2.48
CA GLY A 68 -17.30 -1.31 1.50
C GLY A 68 -16.05 -0.61 2.01
N THR A 69 -16.25 0.55 2.62
CA THR A 69 -15.17 1.42 3.00
C THR A 69 -14.98 1.53 4.51
N GLU A 70 -16.06 1.44 5.30
CA GLU A 70 -16.00 1.85 6.72
C GLU A 70 -16.38 0.67 7.60
N PHE A 71 -15.56 0.39 8.61
CA PHE A 71 -15.77 -0.75 9.49
C PHE A 71 -15.48 -0.37 10.89
N SER A 72 -15.84 -1.22 11.81
CA SER A 72 -15.85 -0.82 13.18
C SER A 72 -15.72 -2.03 14.07
N LEU A 73 -14.87 -1.95 15.07
CA LEU A 73 -14.86 -2.95 16.14
C LEU A 73 -15.34 -2.33 17.46
N THR A 74 -16.23 -3.03 18.14
CA THR A 74 -16.75 -2.54 19.40
C THR A 74 -16.51 -3.56 20.50
N ILE A 75 -16.10 -3.06 21.66
CA ILE A 75 -15.91 -3.87 22.86
C ILE A 75 -16.78 -3.27 23.94
N SER A 76 -17.81 -4.00 24.39
CA SER A 76 -18.68 -3.55 25.47
C SER A 76 -18.32 -4.18 26.81
N GLY A 77 -18.10 -3.35 27.83
CA GLY A 77 -17.64 -3.83 29.12
C GLY A 77 -16.23 -4.38 29.06
N LEU A 78 -15.28 -3.51 28.71
CA LEU A 78 -13.86 -3.86 28.72
C LEU A 78 -13.54 -4.66 29.98
N GLN A 79 -12.82 -5.76 29.77
CA GLN A 79 -12.23 -6.50 30.85
C GLN A 79 -10.75 -6.08 30.97
N PRO A 80 -10.13 -6.37 32.14
CA PRO A 80 -8.68 -6.13 32.29
C PRO A 80 -7.78 -6.62 31.19
N ASP A 81 -8.08 -7.75 30.58
CA ASP A 81 -7.21 -8.26 29.53
C ASP A 81 -7.58 -7.84 28.06
N ASP A 82 -8.43 -6.83 27.86
CA ASP A 82 -8.73 -6.28 26.55
C ASP A 82 -7.86 -5.09 26.20
N PHE A 83 -7.05 -4.66 27.14
CA PHE A 83 -6.05 -3.64 26.84
C PHE A 83 -4.95 -4.30 26.10
N ALA A 84 -4.75 -3.86 24.86
CA ALA A 84 -4.00 -4.60 23.87
C ALA A 84 -3.95 -3.72 22.61
N THR A 85 -3.29 -4.18 21.56
CA THR A 85 -3.34 -3.50 20.25
C THR A 85 -4.28 -4.27 19.31
N TYR A 86 -5.07 -3.56 18.53
CA TYR A 86 -6.02 -4.19 17.63
C TYR A 86 -5.68 -3.86 16.18
N TYR A 87 -5.64 -4.87 15.32
CA TYR A 87 -5.26 -4.66 13.91
C TYR A 87 -6.40 -5.14 13.04
N CYS A 88 -6.57 -4.49 11.88
CA CYS A 88 -7.47 -4.95 10.89
C CYS A 88 -6.70 -5.38 9.66
N GLN A 89 -7.30 -6.26 8.87
CA GLN A 89 -6.69 -6.82 7.67
C GLN A 89 -7.76 -7.04 6.63
N GLN A 90 -7.56 -6.50 5.43
CA GLN A 90 -8.47 -6.71 4.32
C GLN A 90 -7.99 -7.93 3.56
N TYR A 91 -8.95 -8.71 3.08
CA TYR A 91 -8.67 -9.88 2.28
C TYR A 91 -9.51 -9.92 1.01
N ASN A 92 -9.87 -8.75 0.54
CA ASN A 92 -10.48 -8.62 -0.74
C ASN A 92 -9.49 -8.72 -1.89
N SER A 93 -8.25 -8.29 -1.68
CA SER A 93 -7.19 -8.44 -2.70
C SER A 93 -6.03 -9.29 -2.14
N TYR A 94 -5.11 -9.67 -3.03
CA TYR A 94 -3.92 -10.51 -2.72
C TYR A 94 -2.81 -9.79 -1.95
N SER A 95 -2.89 -8.48 -1.84
CA SER A 95 -1.88 -7.75 -1.12
C SER A 95 -2.04 -7.95 0.39
N ARG A 96 -3.26 -8.20 0.85
CA ARG A 96 -3.53 -8.64 2.24
C ARG A 96 -3.02 -7.64 3.28
N THR A 97 -3.30 -6.37 3.03
CA THR A 97 -2.82 -5.28 3.85
C THR A 97 -3.58 -5.15 5.20
N PHE A 98 -2.80 -4.77 6.21
CA PHE A 98 -3.24 -4.54 7.58
C PHE A 98 -3.18 -3.09 7.86
N GLY A 99 -3.94 -2.68 8.88
CA GLY A 99 -3.91 -1.34 9.35
C GLY A 99 -2.76 -1.24 10.29
N GLN A 100 -2.36 -0.01 10.58
CA GLN A 100 -1.19 0.26 11.40
C GLN A 100 -1.41 -0.13 12.87
N GLY A 101 -2.65 -0.21 13.36
CA GLY A 101 -2.87 -0.50 14.81
C GLY A 101 -3.66 0.54 15.59
N THR A 102 -4.38 0.09 16.59
CA THR A 102 -4.99 0.96 17.62
C THR A 102 -4.71 0.34 18.97
N LYS A 103 -4.07 1.12 19.85
CA LYS A 103 -3.68 0.65 21.17
C LYS A 103 -4.68 1.09 22.19
N VAL A 104 -5.37 0.15 22.84
CA VAL A 104 -6.27 0.52 23.91
C VAL A 104 -5.51 0.50 25.24
N GLU A 105 -5.27 1.70 25.78
CA GLU A 105 -4.65 1.92 27.09
C GLU A 105 -5.68 2.11 28.24
N ILE A 106 -5.19 2.04 29.46
CA ILE A 106 -6.01 2.20 30.66
C ILE A 106 -6.06 3.68 31.03
N LYS A 107 -7.27 4.18 31.32
CA LYS A 107 -7.48 5.57 31.67
C LYS A 107 -7.23 5.76 33.17
N ARG A 108 -6.67 6.93 33.48
CA ARG A 108 -6.16 7.22 34.79
C ARG A 108 -6.15 8.72 35.01
N THR A 109 -6.09 9.12 36.26
CA THR A 109 -5.86 10.53 36.63
C THR A 109 -4.55 11.16 36.15
N VAL A 110 -4.58 12.47 35.90
CA VAL A 110 -3.36 13.22 35.59
C VAL A 110 -2.37 13.13 36.76
N ALA A 111 -1.08 13.07 36.43
CA ALA A 111 -0.01 12.82 37.38
C ALA A 111 1.28 13.45 36.83
N ALA A 112 1.80 14.42 37.55
CA ALA A 112 3.04 15.05 37.12
C ALA A 112 4.19 14.10 37.38
N PRO A 113 5.18 14.14 36.50
CA PRO A 113 6.37 13.34 36.73
C PRO A 113 7.29 13.98 37.77
N SER A 114 7.90 13.13 38.59
CA SER A 114 9.09 13.51 39.33
C SER A 114 10.25 13.39 38.35
N VAL A 115 11.11 14.40 38.36
CA VAL A 115 12.12 14.58 37.35
C VAL A 115 13.45 14.58 38.05
N PHE A 116 14.42 13.80 37.55
CA PHE A 116 15.76 13.72 38.13
C PHE A 116 16.77 13.84 37.00
N ILE A 117 17.97 14.33 37.29
CA ILE A 117 19.05 14.44 36.31
C ILE A 117 20.37 13.82 36.85
N PHE A 118 21.10 13.13 35.98
CA PHE A 118 22.28 12.38 36.38
C PHE A 118 23.52 12.75 35.54
N PRO A 119 24.61 13.16 36.19
CA PRO A 119 25.77 13.48 35.38
C PRO A 119 26.41 12.18 34.96
N PRO A 120 27.40 12.24 34.07
CA PRO A 120 28.03 10.98 33.70
C PRO A 120 28.94 10.54 34.84
N SER A 121 29.27 9.27 34.92
CA SER A 121 30.10 8.79 36.00
C SER A 121 31.59 9.04 35.69
N ASP A 122 32.44 9.05 36.73
CA ASP A 122 33.87 9.29 36.51
C ASP A 122 34.47 8.14 35.71
N GLU A 123 33.87 6.95 35.84
CA GLU A 123 34.32 5.76 35.13
C GLU A 123 34.12 5.89 33.61
N GLN A 124 32.97 6.41 33.17
CA GLN A 124 32.74 6.58 31.75
C GLN A 124 33.61 7.67 31.17
N LEU A 125 33.90 8.67 31.99
CA LEU A 125 34.58 9.82 31.47
C LEU A 125 36.03 9.46 31.13
N LYS A 126 36.53 8.38 31.74
CA LYS A 126 37.76 7.74 31.28
C LYS A 126 37.60 7.34 29.80
N SER A 127 36.56 6.60 29.50
CA SER A 127 36.38 6.04 28.16
C SER A 127 36.39 7.03 26.98
N GLY A 128 36.47 8.33 27.24
CA GLY A 128 36.38 9.32 26.16
C GLY A 128 34.98 9.70 25.67
N THR A 129 33.94 9.05 26.21
CA THR A 129 32.56 9.42 25.91
C THR A 129 31.90 9.84 27.21
N ALA A 130 30.66 10.31 27.15
CA ALA A 130 30.01 10.86 28.35
C ALA A 130 28.52 11.03 28.14
N SER A 131 27.73 10.40 28.99
CA SER A 131 26.29 10.37 28.84
C SER A 131 25.62 11.00 30.06
N VAL A 132 24.74 11.97 29.84
CA VAL A 132 23.93 12.60 30.89
C VAL A 132 22.52 12.04 30.75
N VAL A 133 21.81 11.87 31.87
CA VAL A 133 20.51 11.22 31.84
C VAL A 133 19.44 11.95 32.65
N CYS A 134 18.30 12.19 31.99
CA CYS A 134 17.11 12.74 32.62
C CYS A 134 16.14 11.62 32.87
N LEU A 135 15.42 11.66 33.99
CA LEU A 135 14.40 10.65 34.29
C LEU A 135 13.11 11.33 34.67
N LEU A 136 12.03 11.01 33.95
CA LEU A 136 10.67 11.42 34.33
C LEU A 136 9.99 10.18 34.84
N ASN A 137 9.36 10.29 35.98
CA ASN A 137 8.94 9.12 36.70
C ASN A 137 7.49 9.18 37.11
N ASN A 138 6.80 8.08 36.94
CA ASN A 138 5.36 7.93 37.24
C ASN A 138 4.45 9.11 36.86
N PHE A 139 4.19 9.28 35.56
CA PHE A 139 3.24 10.27 35.08
C PHE A 139 2.18 9.66 34.15
N TYR A 140 0.94 10.16 34.23
CA TYR A 140 -0.05 9.85 33.24
C TYR A 140 0.07 10.92 32.17
N PRO A 141 -0.94 11.21 31.37
CA PRO A 141 -0.76 11.12 29.94
C PRO A 141 0.68 10.88 29.48
N ARG A 142 0.88 9.95 28.57
CA ARG A 142 2.20 9.64 28.05
C ARG A 142 2.91 10.85 27.39
N GLU A 143 2.14 11.79 26.87
CA GLU A 143 2.67 12.96 26.17
C GLU A 143 3.49 13.88 27.07
N ALA A 144 4.76 14.09 26.69
CA ALA A 144 5.63 15.03 27.39
C ALA A 144 6.71 15.54 26.44
N LYS A 145 7.27 16.70 26.77
CA LYS A 145 8.46 17.21 26.07
C LYS A 145 9.66 17.23 27.03
N VAL A 146 10.81 16.87 26.50
CA VAL A 146 12.04 16.88 27.24
C VAL A 146 13.09 17.64 26.44
N GLN A 147 13.69 18.66 27.07
CA GLN A 147 14.63 19.54 26.37
C GLN A 147 15.95 19.65 27.11
N TRP A 148 17.01 19.12 26.50
CA TRP A 148 18.38 19.28 26.99
C TRP A 148 18.93 20.69 26.68
N LYS A 149 19.65 21.27 27.65
CA LYS A 149 20.32 22.58 27.46
C LYS A 149 21.74 22.54 28.07
N VAL A 150 22.75 23.00 27.34
CA VAL A 150 24.17 22.94 27.82
C VAL A 150 24.87 24.31 27.82
N ASP A 151 25.32 24.73 29.01
CA ASP A 151 25.66 26.13 29.28
C ASP A 151 24.55 27.03 28.74
N ASN A 152 23.32 26.59 29.00
CA ASN A 152 22.11 27.31 28.65
C ASN A 152 22.02 27.51 27.14
N ALA A 153 22.11 26.40 26.40
CA ALA A 153 22.21 26.42 24.94
C ALA A 153 21.58 25.17 24.34
N LEU A 154 20.62 25.32 23.42
CA LEU A 154 19.76 24.18 23.01
C LEU A 154 20.51 23.10 22.21
N GLN A 155 20.27 21.83 22.54
CA GLN A 155 20.88 20.68 21.85
C GLN A 155 19.92 19.94 20.89
N SER A 156 20.45 19.45 19.76
CA SER A 156 19.68 18.57 18.89
C SER A 156 20.55 17.50 18.24
N GLY A 157 19.91 16.40 17.85
CA GLY A 157 20.57 15.29 17.17
C GLY A 157 21.39 14.45 18.12
N ASN A 158 21.18 14.66 19.41
CA ASN A 158 22.18 14.43 20.43
C ASN A 158 21.73 13.52 21.58
N SER A 159 20.52 12.99 21.44
CA SER A 159 19.84 12.37 22.54
C SER A 159 18.89 11.32 22.02
N GLN A 160 18.59 10.35 22.88
CA GLN A 160 17.57 9.36 22.61
C GLN A 160 16.73 9.14 23.85
N GLU A 161 15.46 8.87 23.60
CA GLU A 161 14.39 8.79 24.56
C GLU A 161 13.92 7.33 24.60
N SER A 162 13.31 6.93 25.72
CA SER A 162 12.76 5.57 25.90
C SER A 162 11.65 5.58 26.97
N VAL A 163 10.50 4.96 26.69
CA VAL A 163 9.34 4.97 27.60
C VAL A 163 8.97 3.55 27.90
N THR A 164 8.53 3.31 29.15
CA THR A 164 8.06 2.00 29.60
C THR A 164 6.59 1.91 29.36
N GLU A 165 6.07 0.69 29.30
CA GLU A 165 4.64 0.48 29.13
C GLU A 165 3.93 0.86 30.44
N GLN A 166 2.60 0.89 30.43
CA GLN A 166 1.83 1.27 31.60
C GLN A 166 2.12 0.33 32.78
N ASP A 167 2.44 0.92 33.92
CA ASP A 167 2.66 0.18 35.16
C ASP A 167 1.40 -0.62 35.52
N SER A 168 1.56 -1.87 35.95
CA SER A 168 0.39 -2.65 36.32
C SER A 168 -0.16 -2.21 37.68
N LYS A 169 0.63 -1.49 38.48
CA LYS A 169 0.12 -0.96 39.74
C LYS A 169 -0.75 0.28 39.49
N ASP A 170 -0.13 1.39 39.11
CA ASP A 170 -0.79 2.70 39.10
C ASP A 170 -1.00 3.29 37.70
N SER A 171 -0.74 2.51 36.66
CA SER A 171 -1.03 2.90 35.29
C SER A 171 -0.31 4.15 34.82
N THR A 172 0.87 4.40 35.36
CA THR A 172 1.68 5.54 34.94
C THR A 172 2.76 5.06 33.95
N TYR A 173 3.43 6.02 33.32
CA TYR A 173 4.60 5.80 32.47
C TYR A 173 5.83 6.39 33.14
N SER A 174 6.99 5.88 32.78
CA SER A 174 8.24 6.50 33.12
C SER A 174 9.01 6.68 31.81
N LEU A 175 9.87 7.70 31.74
CA LEU A 175 10.64 8.05 30.53
C LEU A 175 12.04 8.35 30.92
N SER A 176 13.00 7.94 30.11
CA SER A 176 14.38 8.46 30.27
C SER A 176 14.92 8.99 28.95
N SER A 177 15.59 10.14 28.98
CA SER A 177 16.34 10.66 27.83
C SER A 177 17.82 10.69 28.15
N THR A 178 18.63 10.23 27.21
CA THR A 178 20.08 10.17 27.41
C THR A 178 20.75 11.11 26.44
N LEU A 179 21.45 12.10 26.98
CA LEU A 179 22.26 13.02 26.16
C LEU A 179 23.68 12.50 26.07
N THR A 180 24.07 12.07 24.87
CA THR A 180 25.41 11.48 24.66
C THR A 180 26.42 12.46 24.00
N LEU A 181 27.50 12.78 24.73
CA LEU A 181 28.55 13.69 24.28
C LEU A 181 29.94 13.08 24.42
N SER A 182 30.88 13.59 23.62
CA SER A 182 32.30 13.25 23.76
C SER A 182 32.92 13.89 25.02
N LYS A 183 33.95 13.25 25.57
CA LYS A 183 34.66 13.72 26.78
C LYS A 183 35.20 15.13 26.61
N ALA A 184 35.84 15.40 25.47
CA ALA A 184 36.43 16.73 25.22
C ALA A 184 35.37 17.84 25.21
N ASP A 185 34.19 17.54 24.65
CA ASP A 185 33.06 18.48 24.58
C ASP A 185 32.50 18.74 25.98
N TYR A 186 32.17 17.66 26.67
CA TYR A 186 31.75 17.73 28.07
C TYR A 186 32.68 18.57 28.95
N GLU A 187 33.98 18.23 28.99
CA GLU A 187 34.95 18.99 29.80
C GLU A 187 34.94 20.51 29.46
N LYS A 188 34.46 20.89 28.27
CA LYS A 188 34.38 22.32 27.90
C LYS A 188 33.31 23.10 28.69
N HIS A 189 32.20 22.47 29.07
CA HIS A 189 31.07 23.21 29.61
C HIS A 189 30.71 22.91 31.08
N LYS A 190 29.72 23.64 31.60
CA LYS A 190 29.44 23.72 33.05
C LYS A 190 28.00 23.32 33.45
N VAL A 191 27.00 24.07 33.00
CA VAL A 191 25.61 23.82 33.40
C VAL A 191 24.86 22.92 32.42
N TYR A 192 24.41 21.78 32.95
CA TYR A 192 23.69 20.78 32.17
C TYR A 192 22.30 20.67 32.71
N ALA A 193 21.36 21.32 32.06
CA ALA A 193 20.02 21.45 32.57
C ALA A 193 19.12 20.53 31.78
N CYS A 194 18.03 20.13 32.43
CA CYS A 194 17.05 19.28 31.80
C CYS A 194 15.67 19.91 32.01
N GLU A 195 15.00 20.27 30.93
CA GLU A 195 13.74 21.02 31.03
C GLU A 195 12.61 20.13 30.59
N VAL A 196 11.54 20.07 31.38
CA VAL A 196 10.44 19.15 31.09
C VAL A 196 9.09 19.82 31.04
N THR A 197 8.37 19.51 29.97
CA THR A 197 7.04 20.04 29.75
C THR A 197 6.07 18.88 29.76
N HIS A 198 4.99 19.06 30.55
CA HIS A 198 3.96 18.04 30.77
C HIS A 198 2.67 18.62 31.39
N GLN A 199 1.54 18.04 31.00
CA GLN A 199 0.21 18.50 31.34
C GLN A 199 -0.09 18.74 32.83
N GLY A 200 0.29 17.80 33.68
CA GLY A 200 0.23 17.98 35.15
C GLY A 200 1.16 19.05 35.77
N LEU A 201 2.08 19.61 34.98
CA LEU A 201 2.91 20.72 35.44
C LEU A 201 2.30 22.03 34.96
N SER A 202 1.98 22.92 35.90
CA SER A 202 1.48 24.25 35.57
C SER A 202 2.49 25.12 34.82
N SER A 203 3.76 24.72 34.85
CA SER A 203 4.83 25.36 34.10
C SER A 203 6.01 24.40 33.99
N PRO A 204 6.91 24.62 33.03
CA PRO A 204 7.97 23.62 32.85
C PRO A 204 9.00 23.58 34.01
N VAL A 205 9.34 22.36 34.39
CA VAL A 205 10.24 22.08 35.49
C VAL A 205 11.63 21.79 34.94
N THR A 206 12.63 22.40 35.57
CA THR A 206 14.02 22.22 35.17
C THR A 206 14.83 21.58 36.29
N LYS A 207 15.53 20.50 35.98
CA LYS A 207 16.55 20.00 36.88
C LYS A 207 17.90 20.20 36.20
N SER A 208 18.86 20.67 36.98
CA SER A 208 20.16 21.00 36.46
C SER A 208 21.27 20.62 37.43
N PHE A 209 22.49 20.73 36.94
CA PHE A 209 23.66 20.54 37.74
C PHE A 209 24.79 21.27 37.05
N ASN A 210 25.87 21.48 37.77
CA ASN A 210 27.04 22.12 37.23
C ASN A 210 28.18 21.18 37.40
N ARG A 211 28.85 20.81 36.32
CA ARG A 211 29.96 19.88 36.49
C ARG A 211 31.11 20.57 37.23
N GLY A 212 31.63 19.90 38.25
CA GLY A 212 32.74 20.43 39.04
C GLY A 212 32.34 20.81 40.45
N GLU A 213 31.12 21.32 40.61
CA GLU A 213 30.65 21.79 41.93
C GLU A 213 29.30 21.18 42.25
N CYS A 214 29.30 20.05 42.98
CA CYS A 214 28.12 19.19 43.23
C CYS A 214 26.97 19.33 42.21
N GLU B 1 -5.86 -27.32 20.38
CA GLU B 1 -4.66 -28.20 20.32
C GLU B 1 -3.82 -27.97 19.04
N VAL B 2 -4.34 -27.16 18.10
CA VAL B 2 -3.53 -26.75 16.93
C VAL B 2 -2.33 -25.98 17.43
N GLN B 3 -1.14 -26.41 17.04
CA GLN B 3 0.10 -25.85 17.56
C GLN B 3 1.05 -25.57 16.39
N LEU B 4 1.63 -24.38 16.37
CA LEU B 4 2.66 -24.02 15.38
C LEU B 4 3.91 -23.50 16.09
N LEU B 5 5.07 -24.03 15.74
CA LEU B 5 6.36 -23.68 16.36
C LEU B 5 7.40 -23.25 15.34
N GLU B 6 7.73 -21.98 15.34
CA GLU B 6 8.73 -21.46 14.44
C GLU B 6 10.13 -21.75 14.98
N SER B 7 11.11 -21.89 14.12
CA SER B 7 12.48 -22.03 14.55
C SER B 7 13.39 -21.61 13.40
N GLY B 8 14.68 -21.49 13.62
CA GLY B 8 15.61 -21.04 12.57
C GLY B 8 15.94 -19.56 12.69
N GLY B 9 15.33 -18.86 13.65
CA GLY B 9 15.57 -17.41 13.78
C GLY B 9 16.96 -17.17 14.31
N GLY B 10 17.46 -15.95 14.18
CA GLY B 10 18.80 -15.66 14.61
C GLY B 10 19.39 -14.48 13.88
N LEU B 11 20.70 -14.30 14.07
CA LEU B 11 21.41 -13.14 13.58
C LEU B 11 22.08 -13.42 12.22
N VAL B 12 22.04 -12.45 11.30
CA VAL B 12 22.67 -12.62 9.99
C VAL B 12 23.16 -11.29 9.38
N GLN B 13 24.30 -11.33 8.71
CA GLN B 13 24.86 -10.19 7.99
C GLN B 13 23.96 -9.79 6.85
N PRO B 14 23.88 -8.48 6.55
CA PRO B 14 23.28 -8.03 5.28
C PRO B 14 23.80 -8.80 4.07
N GLY B 15 22.91 -9.09 3.13
CA GLY B 15 23.25 -9.92 1.98
C GLY B 15 23.16 -11.41 2.26
N GLY B 16 23.09 -11.79 3.54
CA GLY B 16 23.04 -13.20 3.93
C GLY B 16 21.70 -13.87 3.74
N SER B 17 21.67 -15.16 4.04
CA SER B 17 20.46 -15.95 3.93
C SER B 17 20.18 -16.73 5.20
N LEU B 18 18.94 -17.18 5.32
CA LEU B 18 18.45 -17.88 6.50
C LEU B 18 17.20 -18.65 6.06
N ARG B 19 16.92 -19.76 6.73
CA ARG B 19 15.80 -20.57 6.40
C ARG B 19 15.04 -20.85 7.68
N LEU B 20 13.78 -20.45 7.71
CA LEU B 20 12.91 -20.58 8.88
C LEU B 20 12.07 -21.85 8.75
N SER B 21 11.57 -22.34 9.88
CA SER B 21 10.72 -23.54 9.94
C SER B 21 9.59 -23.42 10.93
N CYS B 22 8.48 -24.02 10.61
CA CYS B 22 7.33 -24.05 11.47
C CYS B 22 6.90 -25.51 11.60
N ALA B 23 6.91 -26.05 12.81
CA ALA B 23 6.50 -27.42 13.05
C ALA B 23 5.05 -27.43 13.60
N ALA B 24 4.18 -28.00 12.80
CA ALA B 24 2.77 -28.08 13.13
C ALA B 24 2.36 -29.42 13.69
N SER B 25 1.47 -29.39 14.69
CA SER B 25 0.94 -30.58 15.30
C SER B 25 -0.45 -30.32 15.88
N GLY B 26 -1.25 -31.38 15.90
CA GLY B 26 -2.60 -31.34 16.44
C GLY B 26 -3.67 -31.09 15.39
N PHE B 27 -3.33 -31.17 14.11
CA PHE B 27 -4.33 -31.05 13.06
C PHE B 27 -3.81 -31.64 11.78
N THR B 28 -4.66 -31.67 10.77
CA THR B 28 -4.32 -32.20 9.45
C THR B 28 -3.79 -31.06 8.64
N PHE B 29 -2.47 -30.98 8.66
CA PHE B 29 -1.69 -29.93 8.08
C PHE B 29 -1.95 -29.86 6.60
N SER B 30 -2.10 -31.01 5.94
CA SER B 30 -2.25 -31.04 4.48
C SER B 30 -3.47 -30.25 4.00
N HIS B 31 -4.48 -30.07 4.86
CA HIS B 31 -5.68 -29.32 4.46
C HIS B 31 -5.59 -27.79 4.70
N TYR B 32 -4.56 -27.30 5.36
CA TYR B 32 -4.50 -25.89 5.69
C TYR B 32 -3.71 -25.09 4.69
N MET B 33 -4.20 -23.93 4.36
CA MET B 33 -3.33 -22.92 3.79
C MET B 33 -2.46 -22.31 4.84
N MET B 34 -1.19 -22.21 4.50
CA MET B 34 -0.18 -21.65 5.42
C MET B 34 0.41 -20.33 4.92
N ALA B 35 0.92 -19.51 5.83
CA ALA B 35 1.45 -18.18 5.49
C ALA B 35 2.47 -17.77 6.50
N TRP B 36 3.29 -16.81 6.08
CA TRP B 36 4.11 -16.06 6.99
C TRP B 36 3.68 -14.59 7.00
N VAL B 37 3.59 -14.06 8.23
CA VAL B 37 3.38 -12.66 8.51
C VAL B 37 4.52 -12.21 9.43
N ARG B 38 5.01 -10.99 9.25
CA ARG B 38 6.12 -10.50 10.06
C ARG B 38 5.80 -9.19 10.77
N GLN B 39 6.67 -8.74 11.66
CA GLN B 39 6.44 -7.56 12.48
C GLN B 39 7.77 -7.00 12.91
N ALA B 40 8.20 -5.97 12.20
CA ALA B 40 9.38 -5.20 12.53
C ALA B 40 9.24 -4.67 13.97
N PRO B 41 10.37 -4.46 14.67
CA PRO B 41 10.30 -4.08 16.11
C PRO B 41 9.68 -2.67 16.32
N GLY B 42 8.67 -2.58 17.17
CA GLY B 42 7.92 -1.37 17.40
C GLY B 42 6.95 -1.04 16.29
N LYS B 43 6.72 -1.93 15.35
CA LYS B 43 5.82 -1.61 14.27
C LYS B 43 4.63 -2.57 14.12
N GLY B 44 3.87 -2.41 13.04
CA GLY B 44 2.67 -3.19 12.78
C GLY B 44 2.96 -4.49 12.08
N LEU B 45 1.90 -5.20 11.70
CA LEU B 45 1.97 -6.50 11.04
C LEU B 45 2.01 -6.37 9.52
N GLU B 46 2.72 -7.29 8.85
CA GLU B 46 2.96 -7.20 7.41
C GLU B 46 2.92 -8.60 6.79
N TRP B 47 1.96 -8.89 5.94
CA TRP B 47 1.88 -10.20 5.35
C TRP B 47 3.11 -10.43 4.45
N VAL B 48 3.69 -11.63 4.54
CA VAL B 48 4.95 -11.92 3.80
C VAL B 48 4.73 -12.83 2.60
N SER B 49 3.97 -13.90 2.84
CA SER B 49 3.83 -14.96 1.85
C SER B 49 2.77 -15.96 2.16
N ARG B 50 2.33 -16.67 1.13
CA ARG B 50 1.48 -17.86 1.39
C ARG B 50 1.61 -18.95 0.34
N ILE B 51 1.15 -20.13 0.74
CA ILE B 51 1.22 -21.34 -0.04
C ILE B 51 -0.06 -22.14 0.19
N GLY B 52 -0.62 -22.69 -0.87
CA GLY B 52 -1.82 -23.49 -0.75
C GLY B 52 -1.61 -24.86 -0.16
N PRO B 53 -2.71 -25.55 0.19
CA PRO B 53 -2.63 -26.90 0.77
C PRO B 53 -1.67 -27.87 0.08
N SER B 54 -1.83 -28.06 -1.22
CA SER B 54 -1.01 -29.03 -1.99
C SER B 54 0.47 -28.61 -2.22
N GLY B 55 0.83 -27.39 -1.82
CA GLY B 55 2.14 -26.78 -2.17
C GLY B 55 1.81 -25.76 -3.25
N GLY B 56 0.51 -25.68 -3.47
CA GLY B 56 -0.16 -25.10 -4.59
C GLY B 56 0.20 -23.71 -5.01
N PRO B 57 -0.78 -22.80 -4.99
CA PRO B 57 -0.55 -21.45 -5.53
C PRO B 57 0.34 -20.68 -4.54
N THR B 58 1.41 -20.02 -4.99
CA THR B 58 2.22 -19.20 -4.05
C THR B 58 2.14 -17.72 -4.38
N HIS B 59 1.99 -16.88 -3.35
CA HIS B 59 2.00 -15.44 -3.56
C HIS B 59 2.95 -14.77 -2.56
N TYR B 60 3.54 -13.65 -2.96
CA TYR B 60 4.49 -12.89 -2.15
C TYR B 60 4.12 -11.42 -2.15
N ALA B 61 4.38 -10.75 -1.01
CA ALA B 61 4.32 -9.31 -0.88
C ALA B 61 5.38 -8.69 -1.80
N ASP B 62 5.04 -7.58 -2.45
CA ASP B 62 5.96 -6.91 -3.36
C ASP B 62 7.35 -6.65 -2.71
N SER B 63 7.42 -6.47 -1.37
CA SER B 63 8.70 -6.12 -0.68
C SER B 63 9.72 -7.27 -0.52
N VAL B 64 9.35 -8.47 -0.95
CA VAL B 64 10.01 -9.73 -0.61
C VAL B 64 10.21 -10.62 -1.87
N LYS B 65 9.50 -10.26 -2.92
CA LYS B 65 9.35 -11.07 -4.11
C LYS B 65 10.63 -11.19 -4.88
N GLY B 66 11.05 -12.42 -5.15
CA GLY B 66 12.31 -12.68 -5.85
C GLY B 66 13.46 -12.96 -4.91
N ARG B 67 13.24 -12.74 -3.61
CA ARG B 67 14.27 -12.88 -2.59
C ARG B 67 13.95 -14.01 -1.60
N PHE B 68 12.64 -14.21 -1.37
CA PHE B 68 12.11 -15.22 -0.43
C PHE B 68 11.41 -16.39 -1.15
N THR B 69 11.53 -17.59 -0.58
CA THR B 69 10.75 -18.72 -1.09
C THR B 69 10.04 -19.47 0.03
N ILE B 70 8.75 -19.72 -0.20
CA ILE B 70 7.90 -20.43 0.75
C ILE B 70 7.73 -21.84 0.23
N SER B 71 7.76 -22.82 1.14
CA SER B 71 7.45 -24.21 0.75
C SER B 71 6.96 -25.05 1.92
N ARG B 72 6.53 -26.25 1.65
CA ARG B 72 6.01 -27.09 2.71
C ARG B 72 6.31 -28.55 2.45
N ASP B 73 6.43 -29.31 3.53
CA ASP B 73 6.48 -30.75 3.42
C ASP B 73 5.31 -31.26 4.23
N ASN B 74 4.27 -31.71 3.53
CA ASN B 74 3.06 -32.21 4.15
C ASN B 74 3.22 -33.54 4.82
N SER B 75 4.30 -34.25 4.56
CA SER B 75 4.53 -35.48 5.29
C SER B 75 5.30 -35.22 6.59
N LYS B 76 6.13 -34.16 6.67
CA LYS B 76 6.71 -33.75 7.95
C LYS B 76 5.92 -32.66 8.71
N ASN B 77 4.75 -32.32 8.21
CA ASN B 77 3.94 -31.24 8.79
C ASN B 77 4.77 -30.02 9.09
N THR B 78 5.61 -29.65 8.13
CA THR B 78 6.46 -28.51 8.31
C THR B 78 6.36 -27.47 7.16
N LEU B 79 6.36 -26.20 7.55
CA LEU B 79 6.34 -25.07 6.68
C LEU B 79 7.71 -24.39 6.65
N TYR B 80 8.14 -23.90 5.49
CA TYR B 80 9.45 -23.29 5.38
C TYR B 80 9.43 -21.89 4.77
N LEU B 81 10.41 -21.08 5.13
CA LEU B 81 10.71 -19.84 4.39
C LEU B 81 12.19 -19.71 4.17
N GLN B 82 12.61 -19.76 2.91
CA GLN B 82 14.00 -19.45 2.50
C GLN B 82 14.13 -17.98 2.25
N MET B 83 14.95 -17.31 3.05
CA MET B 83 15.15 -15.87 2.88
C MET B 83 16.53 -15.60 2.34
N ASN B 84 16.61 -15.01 1.15
CA ASN B 84 17.91 -14.64 0.53
C ASN B 84 18.13 -13.13 0.51
N SER B 85 19.35 -12.70 0.23
CA SER B 85 19.73 -11.29 0.13
C SER B 85 18.99 -10.45 1.17
N LEU B 86 19.16 -10.78 2.43
CA LEU B 86 18.49 -10.03 3.48
C LEU B 86 19.09 -8.63 3.72
N ARG B 87 18.24 -7.73 4.22
CA ARG B 87 18.59 -6.34 4.52
C ARG B 87 18.11 -5.98 5.91
N ALA B 88 18.66 -4.91 6.44
CA ALA B 88 18.29 -4.46 7.77
C ALA B 88 16.77 -4.39 7.91
N GLU B 89 16.08 -3.93 6.86
CA GLU B 89 14.60 -3.83 6.83
C GLU B 89 13.84 -5.14 7.03
N ASP B 90 14.47 -6.30 6.82
CA ASP B 90 13.78 -7.57 7.01
C ASP B 90 13.85 -8.03 8.44
N THR B 91 14.50 -7.23 9.29
CA THR B 91 14.58 -7.53 10.71
C THR B 91 13.16 -7.63 11.30
N ALA B 92 12.81 -8.73 11.93
CA ALA B 92 11.44 -8.81 12.47
C ALA B 92 11.14 -10.10 13.20
N VAL B 93 10.03 -10.11 13.91
CA VAL B 93 9.51 -11.38 14.37
C VAL B 93 8.76 -11.97 13.20
N TYR B 94 9.08 -13.19 12.82
CA TYR B 94 8.35 -13.90 11.76
C TYR B 94 7.38 -14.93 12.34
N TYR B 95 6.12 -14.75 11.98
CA TYR B 95 5.04 -15.58 12.43
C TYR B 95 4.59 -16.54 11.35
N CYS B 96 4.34 -17.74 11.79
CA CYS B 96 3.75 -18.79 11.01
C CYS B 96 2.21 -18.66 11.19
N ALA B 97 1.43 -18.69 10.13
CA ALA B 97 -0.03 -18.52 10.27
C ALA B 97 -0.78 -19.52 9.42
N GLY B 98 -1.96 -19.91 9.85
CA GLY B 98 -2.71 -20.87 9.06
C GLY B 98 -4.17 -20.56 8.87
N TYR B 99 -4.73 -21.05 7.77
CA TYR B 99 -6.17 -20.91 7.52
C TYR B 99 -6.73 -22.24 7.00
N ASP B 100 -7.94 -22.55 7.42
CA ASP B 100 -8.61 -23.78 7.00
C ASP B 100 -10.07 -23.47 6.75
N SER B 101 -10.51 -23.77 5.53
CA SER B 101 -11.84 -23.49 5.10
C SER B 101 -12.95 -24.15 5.95
N GLY B 102 -12.66 -25.23 6.62
CA GLY B 102 -13.69 -25.90 7.46
C GLY B 102 -14.15 -25.11 8.68
N TYR B 103 -13.41 -24.07 9.07
CA TYR B 103 -13.82 -23.20 10.17
C TYR B 103 -14.20 -21.79 9.73
N ASP B 104 -14.31 -21.60 8.41
CA ASP B 104 -14.67 -20.31 7.76
C ASP B 104 -16.11 -20.35 7.36
N TYR B 105 -16.99 -19.93 8.24
CA TYR B 105 -18.44 -20.05 8.07
C TYR B 105 -19.01 -18.95 7.20
N VAL B 106 -18.84 -19.08 5.92
CA VAL B 106 -19.37 -18.15 4.93
C VAL B 106 -19.73 -19.00 3.75
N ALA B 107 -20.81 -18.68 3.06
CA ALA B 107 -21.25 -19.41 1.90
C ALA B 107 -20.25 -19.30 0.73
N VAL B 108 -19.67 -18.14 0.49
CA VAL B 108 -18.75 -18.03 -0.64
C VAL B 108 -17.41 -17.48 -0.19
N ALA B 109 -16.33 -18.05 -0.68
CA ALA B 109 -15.02 -17.67 -0.18
C ALA B 109 -14.67 -16.24 -0.62
N GLY B 110 -14.00 -15.53 0.29
CA GLY B 110 -13.39 -14.24 0.01
C GLY B 110 -12.24 -14.50 -0.92
N PRO B 111 -11.55 -13.65 -1.49
CA PRO B 111 -10.62 -13.73 -2.63
C PRO B 111 -9.22 -14.01 -2.09
N ALA B 112 -8.87 -13.19 -1.09
CA ALA B 112 -7.75 -13.54 -0.21
C ALA B 112 -8.26 -14.17 1.09
N GLU B 113 -7.27 -14.59 1.93
CA GLU B 113 -7.76 -15.24 3.14
C GLU B 113 -7.19 -14.56 4.38
N TYR B 114 -7.66 -15.00 5.53
CA TYR B 114 -7.31 -14.39 6.81
C TYR B 114 -6.67 -15.46 7.69
N PHE B 115 -6.19 -15.10 8.87
CA PHE B 115 -5.36 -15.99 9.68
C PHE B 115 -6.03 -16.48 10.97
N GLN B 116 -6.44 -17.74 10.98
CA GLN B 116 -7.11 -18.29 12.13
C GLN B 116 -6.16 -18.54 13.27
N HIS B 117 -5.05 -19.19 12.96
CA HIS B 117 -4.06 -19.63 13.93
C HIS B 117 -2.66 -19.08 13.64
N TRP B 118 -1.94 -18.73 14.71
CA TRP B 118 -0.60 -18.08 14.62
C TRP B 118 0.37 -18.80 15.54
N GLY B 119 1.62 -19.00 15.12
CA GLY B 119 2.65 -19.52 16.03
C GLY B 119 3.14 -18.39 16.92
N GLN B 120 4.08 -18.64 17.81
CA GLN B 120 4.58 -17.61 18.72
C GLN B 120 5.69 -16.78 18.09
N GLY B 121 6.24 -17.25 16.98
CA GLY B 121 7.14 -16.40 16.17
C GLY B 121 8.64 -16.54 16.50
N THR B 122 9.48 -16.11 15.58
CA THR B 122 10.91 -16.20 15.80
C THR B 122 11.58 -14.93 15.27
N LEU B 123 12.54 -14.42 16.02
CA LEU B 123 13.19 -13.15 15.67
C LEU B 123 14.31 -13.39 14.68
N VAL B 124 14.30 -12.63 13.59
CA VAL B 124 15.43 -12.52 12.65
C VAL B 124 16.03 -11.09 12.73
N THR B 125 17.25 -10.98 13.25
CA THR B 125 17.95 -9.71 13.30
C THR B 125 18.95 -9.69 12.16
N VAL B 126 18.79 -8.79 11.20
CA VAL B 126 19.85 -8.62 10.20
C VAL B 126 20.64 -7.33 10.44
N SER B 127 21.94 -7.51 10.66
CA SER B 127 22.78 -6.47 11.25
C SER B 127 24.24 -6.85 11.13
N SER B 128 25.12 -5.86 10.93
CA SER B 128 26.55 -6.18 10.79
C SER B 128 27.29 -6.16 12.12
N ALA B 129 26.54 -6.01 13.22
CA ALA B 129 27.08 -6.08 14.60
C ALA B 129 27.43 -7.50 15.08
N SER B 130 28.47 -7.59 15.89
CA SER B 130 28.77 -8.86 16.58
C SER B 130 28.68 -8.66 18.07
N THR B 131 28.49 -9.80 18.74
CA THR B 131 28.31 -9.89 20.17
C THR B 131 29.30 -9.05 20.92
N LYS B 132 28.81 -8.40 21.97
CA LYS B 132 29.63 -7.44 22.66
C LYS B 132 29.00 -7.13 24.01
N GLY B 133 29.79 -7.23 25.07
CA GLY B 133 29.30 -7.03 26.42
C GLY B 133 29.13 -5.56 26.71
N PRO B 134 28.22 -5.24 27.64
CA PRO B 134 27.97 -3.85 27.95
C PRO B 134 29.01 -3.31 28.89
N SER B 135 29.20 -1.99 28.80
CA SER B 135 29.66 -1.19 29.93
C SER B 135 28.50 -0.95 30.90
N VAL B 136 28.73 -1.01 32.20
CA VAL B 136 27.70 -0.70 33.20
C VAL B 136 28.18 0.45 34.08
N PHE B 137 27.41 1.54 34.08
CA PHE B 137 27.77 2.80 34.76
C PHE B 137 26.68 3.23 35.74
N PRO B 138 27.08 3.75 36.90
CA PRO B 138 26.08 4.18 37.87
C PRO B 138 25.46 5.54 37.53
N LEU B 139 24.19 5.69 37.86
CA LEU B 139 23.49 6.96 37.80
C LEU B 139 23.30 7.41 39.25
N ALA B 140 24.18 8.28 39.73
CA ALA B 140 24.20 8.71 41.13
C ALA B 140 23.41 9.99 41.37
N PRO B 141 22.60 10.02 42.42
CA PRO B 141 22.01 11.28 42.91
C PRO B 141 22.94 11.89 43.98
N SER B 142 22.42 12.77 44.86
CA SER B 142 23.25 13.61 45.76
C SER B 142 22.82 13.62 47.27
N SER B 143 21.63 14.16 47.52
CA SER B 143 21.06 14.35 48.88
C SER B 143 20.03 15.50 48.80
N LYS B 144 18.82 15.14 48.39
CA LYS B 144 17.75 16.10 48.15
C LYS B 144 16.39 15.36 48.07
N GLY B 148 15.66 17.53 50.37
CA GLY B 148 14.60 16.71 50.95
C GLY B 148 13.71 16.07 49.87
N GLY B 149 13.31 14.80 50.13
CA GLY B 149 12.28 14.10 49.35
C GLY B 149 12.57 12.63 49.05
N THR B 150 11.90 12.09 48.04
CA THR B 150 12.35 10.84 47.45
C THR B 150 13.47 11.13 46.43
N ALA B 151 14.40 10.19 46.33
CA ALA B 151 15.46 10.27 45.35
C ALA B 151 15.38 9.08 44.36
N ALA B 152 15.96 9.26 43.18
CA ALA B 152 16.10 8.16 42.22
C ALA B 152 17.56 7.88 41.99
N LEU B 153 17.84 6.71 41.48
CA LEU B 153 19.19 6.24 41.41
C LEU B 153 19.18 5.14 40.35
N GLY B 154 20.32 4.79 39.76
CA GLY B 154 20.29 3.82 38.67
C GLY B 154 21.56 3.30 38.05
N CYS B 155 21.38 2.53 36.98
CA CYS B 155 22.44 1.94 36.17
C CYS B 155 22.22 2.19 34.67
N LEU B 156 23.29 2.48 33.97
CA LEU B 156 23.22 2.73 32.53
C LEU B 156 23.98 1.60 31.93
N VAL B 157 23.28 0.73 31.21
CA VAL B 157 23.89 -0.42 30.59
C VAL B 157 24.03 -0.10 29.13
N LYS B 158 25.26 0.09 28.70
CA LYS B 158 25.52 0.75 27.44
C LYS B 158 26.44 -0.06 26.52
N ASP B 159 26.09 -0.04 25.23
CA ASP B 159 26.91 -0.63 24.15
C ASP B 159 27.02 -2.15 24.20
N TYR B 160 25.88 -2.81 24.08
CA TYR B 160 25.87 -4.24 24.01
C TYR B 160 25.15 -4.65 22.75
N PHE B 161 25.50 -5.84 22.29
CA PHE B 161 24.84 -6.51 21.19
C PHE B 161 24.86 -8.00 21.51
N PRO B 162 23.91 -8.75 21.01
CA PRO B 162 22.48 -8.43 21.02
C PRO B 162 21.75 -8.34 22.34
N GLU B 163 20.46 -8.01 22.24
CA GLU B 163 19.50 -8.15 23.30
C GLU B 163 19.53 -9.56 23.89
N PRO B 164 18.69 -9.81 24.89
CA PRO B 164 18.52 -8.98 26.07
C PRO B 164 19.62 -8.85 27.12
N VAL B 165 19.34 -7.98 28.07
CA VAL B 165 20.15 -7.83 29.26
C VAL B 165 19.18 -7.90 30.43
N THR B 166 19.58 -8.51 31.53
CA THR B 166 18.75 -8.51 32.73
C THR B 166 19.38 -7.64 33.80
N VAL B 167 18.56 -7.03 34.63
CA VAL B 167 19.05 -6.18 35.72
C VAL B 167 18.24 -6.45 36.96
N SER B 168 18.92 -6.66 38.06
CA SER B 168 18.23 -6.65 39.30
C SER B 168 18.99 -5.77 40.26
N TRP B 169 18.38 -5.51 41.42
CA TRP B 169 18.92 -4.64 42.42
C TRP B 169 19.07 -5.42 43.66
N ASN B 170 20.23 -5.28 44.28
CA ASN B 170 20.52 -5.92 45.55
C ASN B 170 20.20 -7.41 45.50
N SER B 171 20.56 -8.04 44.37
CA SER B 171 20.43 -9.50 44.17
C SER B 171 18.95 -9.96 44.24
N GLY B 172 18.04 -9.09 43.81
CA GLY B 172 16.62 -9.36 43.91
C GLY B 172 15.95 -8.90 45.20
N ALA B 173 16.70 -8.45 46.19
CA ALA B 173 16.07 -8.02 47.44
C ALA B 173 15.24 -6.74 47.29
N LEU B 174 15.46 -5.97 46.24
CA LEU B 174 14.75 -4.70 46.02
C LEU B 174 13.98 -4.77 44.71
N THR B 175 12.66 -4.72 44.83
CA THR B 175 11.71 -5.04 43.76
C THR B 175 10.77 -3.86 43.48
N SER B 176 10.30 -3.19 44.56
CA SER B 176 9.44 -1.99 44.49
C SER B 176 10.04 -0.77 43.73
N GLY B 177 9.25 -0.20 42.82
CA GLY B 177 9.61 1.00 42.10
C GLY B 177 10.89 0.85 41.30
N VAL B 178 11.09 -0.30 40.67
CA VAL B 178 12.18 -0.49 39.76
C VAL B 178 11.61 -0.25 38.39
N HIS B 179 12.28 0.56 37.59
CA HIS B 179 11.91 0.74 36.19
C HIS B 179 13.13 0.44 35.33
N THR B 180 13.06 -0.68 34.61
CA THR B 180 14.07 -1.02 33.62
C THR B 180 13.51 -0.72 32.21
N PHE B 181 14.10 0.28 31.57
CA PHE B 181 13.60 0.74 30.29
C PHE B 181 13.90 -0.20 29.11
N PRO B 182 13.02 -0.19 28.11
CA PRO B 182 13.31 -0.81 26.80
C PRO B 182 14.62 -0.31 26.19
N ALA B 183 15.37 -1.25 25.63
CA ALA B 183 16.62 -0.94 24.97
C ALA B 183 16.37 -0.08 23.73
N VAL B 184 17.34 0.76 23.42
CA VAL B 184 17.29 1.57 22.23
C VAL B 184 18.57 1.29 21.45
N LEU B 185 18.37 1.10 20.15
CA LEU B 185 19.43 0.81 19.20
C LEU B 185 20.09 2.12 18.95
N GLN B 186 21.41 2.19 19.11
CA GLN B 186 22.21 3.39 18.80
C GLN B 186 22.63 3.43 17.33
N SER B 187 23.26 4.54 16.92
CA SER B 187 23.64 4.73 15.52
C SER B 187 24.68 3.70 15.12
N SER B 188 25.53 3.36 16.07
CA SER B 188 26.56 2.34 15.90
C SER B 188 26.04 0.89 15.75
N GLY B 189 24.76 0.64 15.97
CA GLY B 189 24.26 -0.74 15.94
C GLY B 189 24.14 -1.41 17.31
N LEU B 190 24.72 -0.84 18.35
CA LEU B 190 24.67 -1.45 19.69
C LEU B 190 23.49 -0.90 20.51
N TYR B 191 23.16 -1.60 21.59
CA TYR B 191 22.00 -1.23 22.40
C TYR B 191 22.42 -0.48 23.63
N SER B 192 21.49 0.31 24.14
CA SER B 192 21.68 0.99 25.41
C SER B 192 20.39 1.04 26.21
N LEU B 193 20.52 0.94 27.53
CA LEU B 193 19.36 0.79 28.43
C LEU B 193 19.69 1.34 29.80
N SER B 194 18.69 1.84 30.50
CA SER B 194 18.86 2.30 31.88
C SER B 194 17.93 1.54 32.78
N SER B 195 18.35 1.30 34.02
CA SER B 195 17.47 0.78 35.06
C SER B 195 17.50 1.75 36.21
N VAL B 196 16.34 2.08 36.75
CA VAL B 196 16.26 3.03 37.86
C VAL B 196 15.34 2.52 38.94
N VAL B 197 15.62 2.91 40.18
CA VAL B 197 14.73 2.67 41.33
C VAL B 197 14.61 3.98 42.11
N THR B 198 13.42 4.27 42.66
CA THR B 198 13.28 5.42 43.55
C THR B 198 13.44 4.95 44.99
N VAL B 199 13.89 5.85 45.83
CA VAL B 199 14.26 5.49 47.20
C VAL B 199 14.18 6.75 48.03
N PRO B 200 13.97 6.62 49.35
CA PRO B 200 13.94 7.84 50.15
C PRO B 200 15.34 8.40 50.23
N SER B 201 15.50 9.70 50.11
CA SER B 201 16.83 10.28 50.20
C SER B 201 17.50 10.03 51.55
N SER B 202 16.74 9.81 52.62
CA SER B 202 17.34 9.44 53.93
C SER B 202 18.16 8.14 53.89
N SER B 203 17.89 7.25 52.94
CA SER B 203 18.67 6.04 52.71
C SER B 203 20.11 6.25 52.27
N LEU B 204 20.36 7.38 51.59
CA LEU B 204 21.54 7.50 50.72
C LEU B 204 22.90 7.35 51.43
N GLY B 205 23.04 7.84 52.64
CA GLY B 205 24.31 7.64 53.35
C GLY B 205 24.52 6.28 54.00
N THR B 206 23.50 5.44 53.93
CA THR B 206 23.31 4.33 54.87
C THR B 206 23.03 2.99 54.15
N GLN B 207 22.17 3.01 53.15
CA GLN B 207 21.75 1.76 52.52
C GLN B 207 22.56 1.51 51.27
N THR B 208 22.97 0.27 51.06
CA THR B 208 23.77 -0.09 49.90
C THR B 208 22.88 -0.38 48.70
N TYR B 209 23.25 0.16 47.55
CA TYR B 209 22.51 -0.08 46.30
C TYR B 209 23.44 -0.60 45.20
N ILE B 210 23.19 -1.86 44.79
CA ILE B 210 24.03 -2.55 43.80
C ILE B 210 23.13 -3.00 42.65
N CYS B 211 23.48 -2.69 41.42
CA CYS B 211 22.75 -3.27 40.32
C CYS B 211 23.52 -4.45 39.76
N ASN B 212 22.76 -5.49 39.43
CA ASN B 212 23.28 -6.77 38.97
C ASN B 212 22.90 -6.95 37.54
N VAL B 213 23.86 -6.93 36.64
CA VAL B 213 23.59 -6.94 35.22
C VAL B 213 24.20 -8.21 34.65
N ASN B 214 23.44 -8.87 33.78
CA ASN B 214 23.82 -10.14 33.21
C ASN B 214 23.55 -10.02 31.71
N HIS B 215 24.47 -10.50 30.89
CA HIS B 215 24.32 -10.47 29.42
C HIS B 215 24.85 -11.77 28.98
N LYS B 216 23.95 -12.73 28.86
CA LYS B 216 24.25 -14.13 28.55
C LYS B 216 25.14 -14.30 27.31
N PRO B 217 24.76 -13.68 26.17
CA PRO B 217 25.51 -13.87 24.92
C PRO B 217 27.02 -13.69 25.03
N SER B 218 27.50 -12.73 25.83
CA SER B 218 28.94 -12.52 26.07
C SER B 218 29.43 -12.96 27.46
N ASN B 219 28.54 -13.56 28.24
CA ASN B 219 28.87 -13.96 29.61
C ASN B 219 29.31 -12.84 30.56
N THR B 220 28.85 -11.63 30.31
CA THR B 220 29.04 -10.52 31.22
C THR B 220 28.10 -10.59 32.42
N LYS B 221 28.66 -10.66 33.61
CA LYS B 221 27.96 -10.44 34.90
C LYS B 221 28.73 -9.38 35.70
N VAL B 222 28.04 -8.30 36.09
CA VAL B 222 28.70 -7.24 36.80
C VAL B 222 27.80 -6.76 37.91
N ASP B 223 28.35 -6.67 39.11
CA ASP B 223 27.65 -6.01 40.23
C ASP B 223 28.27 -4.64 40.37
N LYS B 224 27.50 -3.59 40.10
CA LYS B 224 28.01 -2.23 40.18
C LYS B 224 27.37 -1.50 41.38
N ARG B 225 28.21 -1.01 42.28
CA ARG B 225 27.74 -0.17 43.38
C ARG B 225 27.37 1.19 42.84
N VAL B 226 26.29 1.77 43.36
CA VAL B 226 25.93 3.14 43.01
C VAL B 226 26.07 3.97 44.25
N GLU B 227 27.06 4.84 44.26
CA GLU B 227 27.42 5.65 45.40
C GLU B 227 26.87 7.05 45.17
N PRO B 228 26.01 7.52 46.05
CA PRO B 228 25.47 8.87 45.78
C PRO B 228 26.55 9.92 46.05
N LYS B 229 26.39 11.14 45.54
CA LYS B 229 27.43 12.18 45.62
C LYS B 229 27.32 13.06 46.86
N SER B 230 28.44 13.31 47.52
CA SER B 230 28.49 14.08 48.79
C SER B 230 29.55 15.20 48.73
N CYS B 231 29.25 16.30 49.43
CA CYS B 231 30.15 17.48 49.59
C CYS B 231 30.24 17.97 51.05
N ASP C 1 7.67 -15.78 -15.45
CA ASP C 1 6.87 -15.79 -16.69
C ASP C 1 7.54 -14.85 -17.72
N ILE C 2 8.88 -14.82 -17.67
CA ILE C 2 9.76 -13.71 -18.15
C ILE C 2 9.60 -12.41 -17.37
N GLN C 3 10.43 -12.21 -16.36
CA GLN C 3 10.51 -10.91 -15.72
C GLN C 3 11.62 -10.06 -16.37
N MET C 4 11.35 -8.76 -16.49
CA MET C 4 12.37 -7.78 -16.83
C MET C 4 12.71 -7.00 -15.56
N THR C 5 13.99 -6.87 -15.24
CA THR C 5 14.39 -6.10 -14.06
C THR C 5 15.40 -5.02 -14.42
N GLN C 6 14.94 -3.76 -14.39
CA GLN C 6 15.79 -2.62 -14.64
C GLN C 6 16.54 -2.25 -13.36
N SER C 7 17.75 -1.74 -13.54
CA SER C 7 18.58 -1.25 -12.42
C SER C 7 19.22 0.12 -12.77
N PRO C 8 19.70 0.82 -11.73
CA PRO C 8 18.96 1.10 -10.50
C PRO C 8 17.55 1.59 -10.67
N SER C 9 16.86 1.74 -9.56
CA SER C 9 15.54 2.34 -9.57
C SER C 9 15.61 3.82 -9.93
N SER C 10 16.55 4.52 -9.32
CA SER C 10 16.81 5.89 -9.74
C SER C 10 18.30 6.30 -9.66
N LEU C 11 18.59 7.44 -10.26
CA LEU C 11 19.96 7.86 -10.50
C LEU C 11 20.05 9.38 -10.46
N SER C 12 21.07 9.89 -9.79
CA SER C 12 21.33 11.32 -9.80
C SER C 12 22.54 11.59 -10.70
N ALA C 13 22.34 12.46 -11.69
CA ALA C 13 23.42 12.86 -12.58
C ALA C 13 23.35 14.33 -12.96
N SER C 14 24.44 14.79 -13.56
CA SER C 14 24.61 16.17 -13.98
C SER C 14 24.70 16.23 -15.50
N VAL C 15 24.41 17.40 -16.05
CA VAL C 15 24.52 17.59 -17.50
C VAL C 15 25.96 17.36 -17.94
N GLY C 16 26.17 16.47 -18.90
CA GLY C 16 27.52 16.10 -19.37
C GLY C 16 28.11 14.77 -18.87
N ASP C 17 27.40 14.05 -18.00
CA ASP C 17 27.93 12.82 -17.41
C ASP C 17 27.65 11.66 -18.35
N ARG C 18 28.53 10.66 -18.34
CA ARG C 18 28.20 9.38 -18.97
C ARG C 18 27.46 8.53 -17.96
N VAL C 19 26.28 8.04 -18.34
CA VAL C 19 25.54 7.15 -17.44
C VAL C 19 24.97 5.95 -18.16
N THR C 20 25.02 4.81 -17.46
CA THR C 20 24.54 3.54 -18.00
C THR C 20 23.45 2.94 -17.08
N ILE C 21 22.37 2.45 -17.66
CA ILE C 21 21.33 1.76 -16.85
C ILE C 21 21.12 0.34 -17.33
N THR C 22 20.92 -0.58 -16.37
CA THR C 22 20.99 -2.02 -16.58
C THR C 22 19.60 -2.59 -16.78
N CYS C 23 19.55 -3.73 -17.44
CA CYS C 23 18.32 -4.42 -17.63
C CYS C 23 18.52 -5.92 -17.79
N ARG C 24 17.84 -6.69 -16.95
CA ARG C 24 18.03 -8.14 -16.77
C ARG C 24 16.74 -8.86 -17.08
N ALA C 25 16.82 -9.80 -18.02
CA ALA C 25 15.72 -10.70 -18.32
C ALA C 25 15.91 -12.01 -17.55
N SER C 26 14.82 -12.62 -17.11
CA SER C 26 14.91 -13.83 -16.26
C SER C 26 15.14 -15.11 -17.07
N GLN C 27 14.97 -15.01 -18.39
CA GLN C 27 15.46 -16.02 -19.31
C GLN C 27 15.67 -15.32 -20.64
N SER C 28 16.40 -15.94 -21.56
CA SER C 28 16.91 -15.21 -22.73
C SER C 28 15.82 -14.64 -23.59
N ILE C 29 16.05 -13.44 -24.14
CA ILE C 29 15.14 -12.81 -25.09
C ILE C 29 15.90 -12.45 -26.35
N SER C 30 17.06 -13.08 -26.56
CA SER C 30 17.87 -12.86 -27.74
C SER C 30 18.23 -11.37 -27.81
N THR C 31 18.14 -10.77 -29.00
CA THR C 31 18.46 -9.35 -29.19
C THR C 31 17.18 -8.48 -29.23
N TRP C 32 16.04 -9.08 -28.87
CA TRP C 32 14.75 -8.41 -29.03
C TRP C 32 14.39 -7.55 -27.82
N LEU C 33 15.06 -6.38 -27.74
CA LEU C 33 14.80 -5.41 -26.68
C LEU C 33 14.60 -4.00 -27.23
N ALA C 34 13.63 -3.27 -26.67
CA ALA C 34 13.39 -1.86 -27.01
C ALA C 34 13.50 -1.01 -25.75
N TRP C 35 13.96 0.24 -25.90
CA TRP C 35 14.05 1.19 -24.77
C TRP C 35 13.25 2.43 -25.07
N TYR C 36 12.45 2.83 -24.08
CA TYR C 36 11.61 3.99 -24.15
C TYR C 36 11.97 5.01 -23.10
N GLN C 37 11.67 6.26 -23.41
CA GLN C 37 11.78 7.38 -22.48
C GLN C 37 10.41 7.99 -22.22
N GLN C 38 10.07 8.28 -20.97
CA GLN C 38 8.83 8.98 -20.68
C GLN C 38 8.93 10.04 -19.59
N LYS C 39 8.30 11.17 -19.86
CA LYS C 39 8.27 12.26 -18.91
C LYS C 39 6.89 12.26 -18.21
N PRO C 40 6.80 12.86 -17.02
CA PRO C 40 5.50 12.87 -16.37
C PRO C 40 4.33 13.43 -17.20
N GLY C 41 3.18 12.74 -17.16
CA GLY C 41 2.00 13.15 -17.93
C GLY C 41 2.15 13.02 -19.43
N LYS C 42 3.26 12.49 -19.89
CA LYS C 42 3.56 12.55 -21.31
C LYS C 42 3.66 11.16 -21.89
N ALA C 43 3.50 11.09 -23.20
CA ALA C 43 3.60 9.84 -23.93
C ALA C 43 5.07 9.38 -23.90
N PRO C 44 5.33 8.07 -23.74
CA PRO C 44 6.68 7.56 -23.91
C PRO C 44 7.19 7.75 -25.33
N LYS C 45 8.52 7.75 -25.48
CA LYS C 45 9.21 7.92 -26.79
C LYS C 45 10.16 6.77 -27.03
N LEU C 46 10.07 6.13 -28.19
CA LEU C 46 10.98 5.04 -28.50
C LEU C 46 12.38 5.61 -28.73
N LEU C 47 13.37 4.95 -28.12
CA LEU C 47 14.79 5.33 -28.28
C LEU C 47 15.59 4.26 -29.01
N ILE C 48 15.51 3.01 -28.51
CA ILE C 48 16.21 1.88 -29.10
C ILE C 48 15.30 0.72 -29.41
N TYR C 49 15.58 -0.02 -30.50
CA TYR C 49 14.92 -1.28 -30.77
C TYR C 49 16.05 -2.25 -31.20
N LYS C 50 15.73 -3.55 -31.18
CA LYS C 50 16.67 -4.63 -31.51
C LYS C 50 17.95 -4.60 -30.66
N ALA C 51 17.86 -4.05 -29.47
CA ALA C 51 18.95 -4.03 -28.49
C ALA C 51 20.17 -3.12 -28.80
N SER C 52 20.19 -2.44 -29.94
CA SER C 52 21.27 -1.48 -30.25
C SER C 52 20.98 -0.48 -31.37
N ASN C 53 19.87 -0.66 -32.10
CA ASN C 53 19.53 0.26 -33.19
C ASN C 53 18.82 1.51 -32.69
N LEU C 54 19.37 2.64 -33.12
CA LEU C 54 18.87 3.95 -32.81
C LEU C 54 17.60 4.10 -33.63
N HIS C 55 16.47 4.38 -33.01
CA HIS C 55 15.27 4.67 -33.78
C HIS C 55 15.44 5.97 -34.54
N THR C 56 14.71 6.12 -35.64
CA THR C 56 14.87 7.28 -36.48
C THR C 56 14.60 8.58 -35.73
N GLY C 57 15.55 9.50 -35.84
CA GLY C 57 15.43 10.83 -35.28
C GLY C 57 15.86 10.90 -33.83
N VAL C 58 16.40 9.82 -33.29
CA VAL C 58 16.92 9.85 -31.94
C VAL C 58 18.37 10.38 -32.02
N PRO C 59 18.81 11.18 -31.04
CA PRO C 59 20.19 11.70 -31.00
C PRO C 59 21.26 10.65 -30.73
N SER C 60 22.43 10.88 -31.32
CA SER C 60 23.53 9.92 -31.30
C SER C 60 24.08 9.62 -29.91
N ARG C 61 23.96 10.56 -28.98
CA ARG C 61 24.45 10.29 -27.61
C ARG C 61 23.75 9.09 -26.94
N PHE C 62 22.70 8.55 -27.55
CA PHE C 62 22.08 7.32 -26.97
C PHE C 62 22.64 6.08 -27.66
N SER C 63 22.84 5.01 -26.89
CA SER C 63 23.29 3.75 -27.45
C SER C 63 22.86 2.61 -26.54
N GLY C 64 22.53 1.46 -27.13
CA GLY C 64 22.21 0.27 -26.35
C GLY C 64 23.09 -0.91 -26.68
N SER C 65 23.18 -1.86 -25.75
CA SER C 65 23.85 -3.10 -26.07
C SER C 65 23.34 -4.27 -25.21
N GLY C 66 23.90 -5.44 -25.49
CA GLY C 66 23.69 -6.63 -24.69
C GLY C 66 22.99 -7.63 -25.54
N SER C 67 22.91 -8.87 -25.05
CA SER C 67 22.09 -9.91 -25.68
C SER C 67 21.78 -11.06 -24.71
N GLY C 68 20.85 -11.91 -25.09
CA GLY C 68 20.35 -12.94 -24.20
C GLY C 68 19.65 -12.35 -22.99
N THR C 69 20.42 -12.08 -21.94
CA THR C 69 19.91 -11.81 -20.60
C THR C 69 20.37 -10.46 -19.99
N GLU C 70 21.51 -9.91 -20.45
CA GLU C 70 22.02 -8.66 -19.88
C GLU C 70 22.00 -7.49 -20.89
N PHE C 71 21.27 -6.43 -20.57
CA PHE C 71 21.17 -5.26 -21.45
C PHE C 71 21.49 -3.95 -20.74
N SER C 72 22.00 -2.98 -21.47
CA SER C 72 22.33 -1.69 -20.90
C SER C 72 21.95 -0.61 -21.89
N LEU C 73 21.67 0.58 -21.38
CA LEU C 73 21.43 1.75 -22.21
C LEU C 73 22.35 2.83 -21.70
N THR C 74 23.16 3.41 -22.57
CA THR C 74 24.10 4.43 -22.14
C THR C 74 23.74 5.74 -22.79
N ILE C 75 23.74 6.81 -22.01
CA ILE C 75 23.71 8.14 -22.61
C ILE C 75 25.00 8.85 -22.21
N SER C 76 25.70 9.40 -23.19
CA SER C 76 26.97 10.11 -22.96
C SER C 76 26.85 11.61 -23.27
N GLY C 77 26.78 12.42 -22.21
CA GLY C 77 26.53 13.86 -22.32
C GLY C 77 25.06 14.21 -22.17
N LEU C 78 24.52 13.98 -20.97
CA LEU C 78 23.10 14.19 -20.66
C LEU C 78 22.67 15.63 -20.90
N GLN C 79 21.75 15.85 -21.82
CA GLN C 79 21.19 17.19 -22.00
C GLN C 79 20.04 17.37 -21.02
N PRO C 80 19.63 18.64 -20.78
CA PRO C 80 18.42 18.97 -20.01
C PRO C 80 17.11 18.30 -20.45
N ASP C 81 17.09 17.73 -21.65
CA ASP C 81 15.90 17.07 -22.16
C ASP C 81 15.90 15.56 -21.78
N ASP C 82 17.03 15.05 -21.28
CA ASP C 82 17.19 13.61 -21.01
C ASP C 82 16.91 13.13 -19.57
N PHE C 83 16.64 14.04 -18.66
CA PHE C 83 16.17 13.66 -17.34
C PHE C 83 14.71 13.28 -17.40
N ALA C 84 14.46 11.98 -17.13
CA ALA C 84 13.22 11.30 -17.47
C ALA C 84 13.27 9.88 -16.88
N THR C 85 12.16 9.15 -17.00
CA THR C 85 12.13 7.71 -16.70
C THR C 85 12.39 6.93 -17.99
N TYR C 86 13.12 5.82 -17.87
CA TYR C 86 13.54 5.01 -19.00
C TYR C 86 13.01 3.58 -18.80
N TYR C 87 12.27 3.05 -19.76
CA TYR C 87 11.82 1.65 -19.64
C TYR C 87 12.31 0.80 -20.79
N CYS C 88 12.60 -0.47 -20.51
CA CYS C 88 12.79 -1.45 -21.58
C CYS C 88 11.64 -2.41 -21.68
N GLN C 89 11.49 -2.95 -22.89
CA GLN C 89 10.45 -3.94 -23.20
C GLN C 89 11.02 -5.07 -24.08
N GLN C 90 10.78 -6.33 -23.68
CA GLN C 90 11.25 -7.46 -24.46
C GLN C 90 10.17 -7.76 -25.46
N TYR C 91 10.56 -8.13 -26.67
CA TYR C 91 9.57 -8.55 -27.65
C TYR C 91 9.97 -9.83 -28.34
N ASN C 92 10.61 -10.69 -27.56
CA ASN C 92 10.94 -12.04 -27.95
C ASN C 92 9.76 -12.98 -27.68
N SER C 93 8.91 -12.68 -26.73
CA SER C 93 7.75 -13.56 -26.48
C SER C 93 6.44 -12.77 -26.37
N TYR C 94 5.35 -13.51 -26.21
CA TYR C 94 3.99 -12.99 -26.20
C TYR C 94 3.67 -12.09 -25.02
N SER C 95 4.25 -12.38 -23.87
CA SER C 95 4.28 -11.46 -22.73
C SER C 95 4.54 -9.96 -23.06
N ARG C 96 5.43 -9.67 -24.00
CA ARG C 96 5.84 -8.29 -24.26
C ARG C 96 6.13 -7.47 -23.02
N THR C 97 6.71 -8.12 -22.02
CA THR C 97 6.94 -7.52 -20.73
C THR C 97 7.78 -6.22 -20.74
N PHE C 98 7.34 -5.23 -19.96
CA PHE C 98 8.12 -4.05 -19.66
C PHE C 98 8.80 -4.18 -18.33
N GLY C 99 9.83 -3.36 -18.13
CA GLY C 99 10.48 -3.25 -16.84
C GLY C 99 9.77 -2.21 -15.99
N GLN C 100 10.12 -2.16 -14.73
CA GLN C 100 9.47 -1.26 -13.79
C GLN C 100 10.03 0.15 -13.89
N GLY C 101 11.16 0.33 -14.58
CA GLY C 101 11.63 1.65 -14.95
C GLY C 101 12.87 2.06 -14.19
N THR C 102 13.53 3.11 -14.68
CA THR C 102 14.60 3.79 -13.95
C THR C 102 14.55 5.29 -14.24
N LYS C 103 14.22 6.07 -13.20
CA LYS C 103 14.18 7.53 -13.26
C LYS C 103 15.58 8.05 -13.15
N VAL C 104 15.96 8.94 -14.05
CA VAL C 104 17.19 9.64 -13.88
C VAL C 104 16.87 11.09 -13.54
N GLU C 105 17.39 11.51 -12.39
CA GLU C 105 17.14 12.83 -11.80
C GLU C 105 18.40 13.68 -11.76
N ILE C 106 18.24 15.00 -11.71
CA ILE C 106 19.37 15.93 -11.75
C ILE C 106 20.04 16.05 -10.37
N LYS C 107 21.37 16.18 -10.39
CA LYS C 107 22.19 16.33 -9.18
C LYS C 107 22.49 17.82 -8.95
N ARG C 108 22.45 18.25 -7.70
CA ARG C 108 22.46 19.66 -7.39
C ARG C 108 23.11 19.86 -6.00
N THR C 109 23.28 21.11 -5.58
CA THR C 109 23.76 21.39 -4.22
C THR C 109 22.67 21.07 -3.18
N VAL C 110 23.05 20.97 -1.92
CA VAL C 110 22.07 20.68 -0.87
C VAL C 110 21.29 21.96 -0.57
N ALA C 111 19.95 21.85 -0.52
CA ALA C 111 19.08 22.99 -0.24
C ALA C 111 18.13 22.73 0.94
N ALA C 112 18.23 23.58 1.95
CA ALA C 112 17.35 23.52 3.08
C ALA C 112 15.98 24.00 2.65
N PRO C 113 14.92 23.36 3.15
CA PRO C 113 13.58 23.79 2.76
C PRO C 113 13.22 25.05 3.54
N SER C 114 12.25 25.81 3.06
CA SER C 114 11.59 26.85 3.87
C SER C 114 10.24 26.31 4.34
N VAL C 115 10.04 26.26 5.64
CA VAL C 115 8.84 25.65 6.18
C VAL C 115 7.76 26.70 6.43
N PHE C 116 6.54 26.43 5.97
CA PHE C 116 5.36 27.24 6.33
C PHE C 116 4.29 26.30 6.83
N ILE C 117 3.48 26.79 7.74
CA ILE C 117 2.40 26.02 8.31
C ILE C 117 1.12 26.87 8.17
N PHE C 118 0.00 26.23 7.88
CA PHE C 118 -1.26 26.92 7.62
C PHE C 118 -2.37 26.32 8.43
N PRO C 119 -3.02 27.12 9.30
CA PRO C 119 -4.13 26.55 10.05
C PRO C 119 -5.29 26.31 9.15
N PRO C 120 -6.24 25.47 9.60
CA PRO C 120 -7.47 25.26 8.83
C PRO C 120 -8.28 26.55 8.67
N SER C 121 -8.90 26.68 7.52
CA SER C 121 -9.73 27.82 7.19
C SER C 121 -11.03 27.77 8.00
N ASP C 122 -11.55 28.94 8.33
CA ASP C 122 -12.87 29.07 8.95
C ASP C 122 -13.99 28.35 8.18
N GLU C 123 -13.89 28.30 6.85
CA GLU C 123 -14.92 27.65 5.99
C GLU C 123 -14.93 26.12 6.11
N GLN C 124 -13.76 25.52 6.22
CA GLN C 124 -13.64 24.09 6.42
C GLN C 124 -14.16 23.75 7.81
N LEU C 125 -13.85 24.63 8.75
CA LEU C 125 -14.27 24.47 10.13
C LEU C 125 -15.77 24.60 10.33
N LYS C 126 -16.48 25.09 9.31
CA LYS C 126 -17.94 25.05 9.31
C LYS C 126 -18.47 23.63 9.07
N SER C 127 -17.75 22.86 8.27
CA SER C 127 -18.23 21.58 7.72
C SER C 127 -17.91 20.34 8.57
N GLY C 128 -17.23 20.52 9.70
CA GLY C 128 -16.95 19.40 10.61
C GLY C 128 -15.58 18.77 10.47
N THR C 129 -14.78 19.27 9.52
CA THR C 129 -13.42 18.76 9.34
C THR C 129 -12.36 19.85 9.48
N ALA C 130 -11.13 19.44 9.76
CA ALA C 130 -10.03 20.35 10.09
C ALA C 130 -8.73 19.86 9.44
N SER C 131 -8.31 20.52 8.38
CA SER C 131 -7.05 20.19 7.71
C SER C 131 -5.97 21.20 8.08
N VAL C 132 -4.95 20.70 8.77
CA VAL C 132 -3.72 21.46 9.04
C VAL C 132 -2.69 21.06 7.97
N VAL C 133 -2.12 22.06 7.30
CA VAL C 133 -1.17 21.82 6.20
C VAL C 133 0.21 22.36 6.54
N CYS C 134 1.24 21.55 6.30
CA CYS C 134 2.64 21.91 6.52
C CYS C 134 3.40 21.84 5.19
N LEU C 135 4.08 22.93 4.83
CA LEU C 135 4.66 23.02 3.51
C LEU C 135 6.19 23.16 3.54
N LEU C 136 6.90 22.33 2.78
CA LEU C 136 8.35 22.44 2.68
C LEU C 136 8.70 22.84 1.27
N ASN C 137 9.09 24.11 1.09
CA ASN C 137 9.34 24.65 -0.23
C ASN C 137 10.80 24.61 -0.60
N ASN C 138 11.09 24.12 -1.79
CA ASN C 138 12.37 24.29 -2.49
C ASN C 138 13.60 23.71 -1.81
N PHE C 139 13.58 22.40 -1.57
CA PHE C 139 14.70 21.70 -0.93
C PHE C 139 15.42 20.70 -1.82
N TYR C 140 16.63 20.29 -1.39
CA TYR C 140 17.32 19.21 -2.04
C TYR C 140 18.46 18.47 -1.36
N PRO C 141 18.27 17.20 -1.01
CA PRO C 141 17.84 16.12 -1.87
C PRO C 141 16.38 15.80 -1.46
N ARG C 142 15.83 14.71 -1.96
CA ARG C 142 14.42 14.35 -1.76
C ARG C 142 14.11 13.97 -0.30
N GLU C 143 15.02 13.20 0.29
CA GLU C 143 14.94 12.76 1.68
C GLU C 143 14.54 13.94 2.61
N ALA C 144 13.34 13.86 3.14
CA ALA C 144 12.81 14.79 4.16
C ALA C 144 11.94 13.99 5.11
N LYS C 145 11.54 14.61 6.20
CA LYS C 145 10.81 13.91 7.26
C LYS C 145 10.07 14.97 8.02
N VAL C 146 8.75 14.92 7.92
CA VAL C 146 7.84 15.80 8.63
C VAL C 146 7.27 14.98 9.79
N GLN C 147 7.19 15.55 10.98
CA GLN C 147 6.41 14.95 12.09
C GLN C 147 5.42 15.92 12.71
N TRP C 148 4.19 15.48 12.87
CA TRP C 148 3.15 16.30 13.51
C TRP C 148 3.05 16.06 15.04
N LYS C 149 2.80 17.15 15.77
CA LYS C 149 2.60 17.13 17.22
C LYS C 149 1.39 18.00 17.65
N VAL C 150 0.48 17.42 18.41
CA VAL C 150 -0.65 18.15 18.97
C VAL C 150 -0.47 18.10 20.47
N ASP C 151 -0.25 19.26 21.09
CA ASP C 151 0.09 19.39 22.52
C ASP C 151 1.17 18.40 22.96
N ASN C 152 2.22 18.32 22.14
CA ASN C 152 3.36 17.43 22.35
C ASN C 152 3.08 15.94 22.09
N ALA C 153 1.91 15.60 21.57
CA ALA C 153 1.54 14.22 21.29
C ALA C 153 1.93 13.94 19.88
N LEU C 154 2.83 12.97 19.66
CA LEU C 154 3.24 12.63 18.29
C LEU C 154 2.12 11.90 17.55
N GLN C 155 1.72 12.44 16.42
CA GLN C 155 0.63 11.87 15.62
C GLN C 155 1.10 10.71 14.75
N SER C 156 0.18 9.79 14.47
CA SER C 156 0.39 8.78 13.42
C SER C 156 -0.94 8.27 12.91
N GLY C 157 -0.95 7.82 11.66
CA GLY C 157 -2.17 7.35 11.02
C GLY C 157 -3.18 8.39 10.54
N ASN C 158 -3.00 9.66 10.88
CA ASN C 158 -3.91 10.76 10.47
C ASN C 158 -3.19 11.89 9.66
N SER C 159 -2.12 11.56 8.95
CA SER C 159 -1.51 12.54 8.02
C SER C 159 -1.07 11.85 6.75
N GLN C 160 -0.79 12.66 5.72
CA GLN C 160 -0.34 12.15 4.41
C GLN C 160 0.52 13.23 3.75
N GLU C 161 1.59 12.80 3.06
CA GLU C 161 2.59 13.71 2.43
C GLU C 161 2.46 13.59 0.91
N SER C 162 3.01 14.54 0.18
CA SER C 162 3.04 14.53 -1.29
C SER C 162 4.21 15.38 -1.81
N VAL C 163 4.97 14.89 -2.77
CA VAL C 163 6.19 15.57 -3.18
C VAL C 163 6.21 15.83 -4.67
N THR C 164 6.58 17.06 -5.06
CA THR C 164 6.71 17.40 -6.46
C THR C 164 7.86 16.65 -7.19
N GLU C 165 7.82 16.72 -8.52
CA GLU C 165 8.95 16.34 -9.34
C GLU C 165 9.99 17.46 -9.22
N GLN C 166 11.23 17.20 -9.62
CA GLN C 166 12.25 18.28 -9.57
C GLN C 166 11.78 19.48 -10.37
N ASP C 167 11.92 20.66 -9.78
CA ASP C 167 11.50 21.87 -10.45
C ASP C 167 12.34 22.03 -11.71
N SER C 168 11.75 22.51 -12.80
CA SER C 168 12.50 22.68 -14.06
C SER C 168 13.63 23.69 -13.92
N LYS C 169 13.33 24.86 -13.37
CA LYS C 169 14.30 25.96 -13.30
C LYS C 169 15.44 25.74 -12.29
N ASP C 170 15.11 25.36 -11.05
CA ASP C 170 16.14 25.23 -9.98
C ASP C 170 16.31 23.81 -9.40
N SER C 171 15.71 22.81 -10.05
CA SER C 171 15.86 21.40 -9.69
C SER C 171 15.58 21.04 -8.22
N THR C 172 14.77 21.85 -7.55
CA THR C 172 14.41 21.55 -6.16
C THR C 172 13.13 20.72 -6.06
N TYR C 173 12.95 20.14 -4.88
CA TYR C 173 11.71 19.49 -4.51
C TYR C 173 10.84 20.43 -3.65
N SER C 174 9.55 20.11 -3.53
CA SER C 174 8.68 20.70 -2.50
C SER C 174 7.81 19.59 -1.95
N LEU C 175 7.49 19.68 -0.67
CA LEU C 175 6.65 18.66 -0.04
C LEU C 175 5.51 19.31 0.70
N SER C 176 4.33 18.72 0.62
CA SER C 176 3.18 19.20 1.35
C SER C 176 2.64 18.07 2.19
N SER C 177 2.46 18.33 3.48
CA SER C 177 1.92 17.35 4.43
C SER C 177 0.64 17.90 5.07
N THR C 178 -0.37 17.04 5.15
CA THR C 178 -1.66 17.42 5.68
C THR C 178 -2.05 16.51 6.85
N LEU C 179 -2.39 17.17 7.97
CA LEU C 179 -2.91 16.51 9.15
C LEU C 179 -4.41 16.64 9.13
N THR C 180 -5.12 15.53 9.06
CA THR C 180 -6.58 15.59 9.08
C THR C 180 -7.18 15.27 10.47
N LEU C 181 -7.84 16.27 11.04
CA LEU C 181 -8.58 16.13 12.28
C LEU C 181 -10.06 16.41 12.10
N SER C 182 -10.85 15.75 12.95
CA SER C 182 -12.19 16.21 13.24
C SER C 182 -12.15 17.60 13.91
N LYS C 183 -13.19 18.40 13.67
CA LYS C 183 -13.42 19.67 14.39
C LYS C 183 -13.47 19.51 15.93
N ALA C 184 -14.21 18.52 16.44
CA ALA C 184 -14.30 18.34 17.89
C ALA C 184 -12.92 18.05 18.51
N ASP C 185 -12.08 17.34 17.77
CA ASP C 185 -10.69 17.11 18.19
C ASP C 185 -9.83 18.34 18.02
N TYR C 186 -9.98 19.03 16.88
CA TYR C 186 -9.22 20.25 16.65
C TYR C 186 -9.45 21.22 17.84
N GLU C 187 -10.70 21.36 18.30
CA GLU C 187 -11.02 22.28 19.39
C GLU C 187 -10.52 21.83 20.78
N LYS C 188 -10.28 20.54 20.93
CA LYS C 188 -9.69 20.00 22.17
C LYS C 188 -8.20 20.32 22.42
N HIS C 189 -7.50 20.99 21.50
CA HIS C 189 -6.03 21.20 21.68
C HIS C 189 -5.53 22.58 21.29
N LYS C 190 -4.41 22.99 21.87
CA LYS C 190 -3.87 24.33 21.67
C LYS C 190 -2.86 24.39 20.55
N VAL C 191 -1.74 23.70 20.74
CA VAL C 191 -0.54 23.90 19.93
C VAL C 191 -0.51 22.87 18.83
N TYR C 192 -0.43 23.35 17.58
CA TYR C 192 -0.25 22.50 16.43
C TYR C 192 1.13 22.73 15.80
N ALA C 193 1.88 21.63 15.69
CA ALA C 193 3.32 21.71 15.43
C ALA C 193 3.74 20.77 14.34
N CYS C 194 4.46 21.29 13.34
CA CYS C 194 5.12 20.41 12.36
C CYS C 194 6.65 20.54 12.45
N GLU C 195 7.31 19.39 12.64
CA GLU C 195 8.74 19.32 12.82
C GLU C 195 9.39 18.65 11.61
N VAL C 196 10.39 19.31 11.03
CA VAL C 196 10.90 18.95 9.75
C VAL C 196 12.36 18.61 9.82
N THR C 197 12.73 17.51 9.20
CA THR C 197 14.12 17.05 9.15
C THR C 197 14.66 16.91 7.72
N HIS C 198 15.87 17.43 7.54
CA HIS C 198 16.54 17.49 6.26
C HIS C 198 18.05 17.72 6.40
N GLN C 199 18.77 17.22 5.41
CA GLN C 199 20.22 17.22 5.42
C GLN C 199 20.83 18.62 5.43
N GLY C 200 20.23 19.55 4.70
CA GLY C 200 20.73 20.93 4.61
C GLY C 200 20.46 21.80 5.83
N LEU C 201 19.62 21.31 6.73
CA LEU C 201 19.38 21.93 8.02
C LEU C 201 20.30 21.24 9.01
N SER C 202 21.04 22.03 9.78
CA SER C 202 21.93 21.49 10.79
C SER C 202 21.15 21.08 12.04
N SER C 203 19.86 21.41 12.07
CA SER C 203 19.00 21.13 13.21
C SER C 203 17.54 21.07 12.73
N PRO C 204 16.70 20.20 13.33
CA PRO C 204 15.27 20.20 12.94
C PRO C 204 14.59 21.57 13.12
N VAL C 205 13.75 21.95 12.15
CA VAL C 205 12.96 23.20 12.19
C VAL C 205 11.52 22.85 12.56
N THR C 206 10.95 23.64 13.46
CA THR C 206 9.57 23.51 13.87
C THR C 206 8.89 24.82 13.57
N LYS C 207 7.74 24.72 12.94
CA LYS C 207 6.80 25.82 12.82
C LYS C 207 5.53 25.41 13.55
N SER C 208 4.85 26.40 14.11
CA SER C 208 3.76 26.18 15.03
C SER C 208 2.73 27.30 15.01
N PHE C 209 1.55 27.00 15.55
CA PHE C 209 0.56 28.01 15.91
C PHE C 209 -0.27 27.54 17.10
N ASN C 210 -0.87 28.49 17.82
CA ASN C 210 -1.89 28.15 18.83
C ASN C 210 -3.27 28.20 18.19
N ARG C 211 -4.07 27.17 18.41
CA ARG C 211 -5.43 27.16 17.91
C ARG C 211 -6.11 28.50 18.21
N GLY C 212 -6.51 29.21 17.17
CA GLY C 212 -7.39 30.38 17.28
C GLY C 212 -6.80 31.66 17.84
N GLU C 213 -5.67 31.56 18.54
CA GLU C 213 -5.01 32.76 19.05
C GLU C 213 -4.49 33.56 17.86
N CYS C 214 -4.92 34.82 17.78
CA CYS C 214 -4.47 35.76 16.76
C CYS C 214 -4.61 37.20 17.28
N GLU D 1 4.71 14.40 -38.42
CA GLU D 1 4.39 14.46 -36.97
C GLU D 1 3.27 13.46 -36.71
N VAL D 2 3.59 12.40 -35.98
CA VAL D 2 2.63 11.36 -35.68
C VAL D 2 1.77 11.84 -34.48
N GLN D 3 0.46 12.04 -34.74
CA GLN D 3 -0.50 12.54 -33.74
C GLN D 3 -1.47 11.42 -33.34
N LEU D 4 -1.41 10.94 -32.10
CA LEU D 4 -2.32 9.88 -31.66
C LEU D 4 -3.16 10.38 -30.48
N LEU D 5 -4.40 10.80 -30.78
CA LEU D 5 -5.25 11.50 -29.82
C LEU D 5 -6.36 10.59 -29.36
N GLU D 6 -6.47 10.40 -28.05
CA GLU D 6 -7.29 9.32 -27.46
C GLU D 6 -8.42 9.87 -26.61
N SER D 7 -9.54 9.17 -26.56
CA SER D 7 -10.72 9.62 -25.80
C SER D 7 -11.68 8.47 -25.51
N GLY D 8 -12.76 8.74 -24.78
CA GLY D 8 -13.76 7.71 -24.48
C GLY D 8 -13.54 7.05 -23.12
N GLY D 9 -12.51 7.46 -22.41
CA GLY D 9 -12.28 6.90 -21.09
C GLY D 9 -12.99 7.71 -20.01
N GLY D 10 -12.64 7.44 -18.75
CA GLY D 10 -13.33 8.01 -17.60
C GLY D 10 -13.81 6.99 -16.59
N LEU D 11 -14.70 7.44 -15.72
CA LEU D 11 -15.15 6.62 -14.61
C LEU D 11 -16.22 5.67 -15.15
N VAL D 12 -16.14 4.43 -14.69
CA VAL D 12 -17.13 3.41 -15.03
C VAL D 12 -17.27 2.39 -13.91
N GLN D 13 -18.45 1.81 -13.78
CA GLN D 13 -18.74 0.86 -12.74
C GLN D 13 -18.17 -0.50 -13.06
N PRO D 14 -17.80 -1.26 -12.03
CA PRO D 14 -17.44 -2.65 -12.34
C PRO D 14 -18.51 -3.31 -13.12
N GLY D 15 -18.13 -4.08 -14.13
CA GLY D 15 -19.15 -4.79 -14.96
C GLY D 15 -19.64 -3.98 -16.17
N GLY D 16 -19.30 -2.68 -16.20
CA GLY D 16 -19.77 -1.81 -17.27
C GLY D 16 -18.93 -1.83 -18.56
N SER D 17 -19.23 -0.87 -19.43
CA SER D 17 -18.60 -0.86 -20.75
C SER D 17 -18.05 0.52 -21.13
N LEU D 18 -17.01 0.49 -21.96
CA LEU D 18 -16.49 1.72 -22.58
C LEU D 18 -16.01 1.37 -23.94
N ARG D 19 -15.94 2.39 -24.78
CA ARG D 19 -15.30 2.31 -26.06
C ARG D 19 -14.24 3.40 -26.15
N LEU D 20 -12.97 3.01 -26.05
CA LEU D 20 -11.90 3.95 -26.36
C LEU D 20 -11.78 4.18 -27.84
N SER D 21 -11.41 5.40 -28.19
CA SER D 21 -11.02 5.74 -29.55
C SER D 21 -9.67 6.46 -29.56
N CYS D 22 -9.01 6.37 -30.69
CA CYS D 22 -7.81 7.09 -30.90
C CYS D 22 -7.90 7.59 -32.32
N ALA D 23 -7.91 8.92 -32.46
CA ALA D 23 -7.92 9.60 -33.76
C ALA D 23 -6.47 9.89 -34.19
N ALA D 24 -6.08 9.28 -35.30
CA ALA D 24 -4.72 9.35 -35.78
C ALA D 24 -4.56 10.24 -37.00
N SER D 25 -3.38 10.85 -37.14
CA SER D 25 -3.00 11.67 -38.31
C SER D 25 -1.48 11.72 -38.47
N GLY D 26 -0.99 12.33 -39.55
CA GLY D 26 0.47 12.45 -39.72
C GLY D 26 1.14 11.35 -40.53
N PHE D 27 0.41 10.28 -40.81
CA PHE D 27 0.96 9.15 -41.54
C PHE D 27 -0.13 8.34 -42.21
N THR D 28 0.25 7.49 -43.16
CA THR D 28 -0.71 6.59 -43.77
C THR D 28 -1.19 5.54 -42.75
N PHE D 29 -2.35 5.77 -42.19
CA PHE D 29 -2.92 4.89 -41.16
C PHE D 29 -2.89 3.41 -41.53
N SER D 30 -3.33 3.11 -42.75
CA SER D 30 -3.52 1.73 -43.19
C SER D 30 -2.20 0.98 -43.32
N HIS D 31 -1.08 1.72 -43.26
CA HIS D 31 0.25 1.13 -43.22
C HIS D 31 0.73 0.74 -41.83
N TYR D 32 0.07 1.23 -40.78
CA TYR D 32 0.51 1.04 -39.39
C TYR D 32 -0.20 -0.05 -38.63
N MET D 33 0.57 -0.95 -38.04
CA MET D 33 0.04 -1.82 -37.03
C MET D 33 -0.18 -0.95 -35.80
N MET D 34 -1.28 -1.20 -35.11
CA MET D 34 -1.72 -0.35 -34.02
C MET D 34 -1.97 -1.18 -32.75
N ALA D 35 -1.91 -0.52 -31.61
CA ALA D 35 -1.96 -1.24 -30.34
C ALA D 35 -2.47 -0.40 -29.20
N TRP D 36 -2.89 -1.09 -28.16
CA TRP D 36 -3.23 -0.43 -26.92
C TRP D 36 -2.35 -1.04 -25.85
N VAL D 37 -1.79 -0.16 -25.03
CA VAL D 37 -0.90 -0.48 -23.95
C VAL D 37 -1.42 0.28 -22.73
N ARG D 38 -1.23 -0.24 -21.52
CA ARG D 38 -1.80 0.44 -20.37
C ARG D 38 -0.86 0.52 -19.20
N GLN D 39 -1.17 1.40 -18.26
CA GLN D 39 -0.35 1.62 -17.09
C GLN D 39 -1.19 1.93 -15.88
N ALA D 40 -1.26 0.97 -14.96
CA ALA D 40 -2.07 1.17 -13.75
C ALA D 40 -1.46 2.26 -12.88
N PRO D 41 -2.22 2.80 -11.93
CA PRO D 41 -1.67 3.77 -10.98
C PRO D 41 -0.35 3.33 -10.33
N GLY D 42 0.72 4.10 -10.55
CA GLY D 42 2.03 3.83 -9.97
C GLY D 42 2.56 2.41 -10.19
N LYS D 43 2.51 1.95 -11.44
CA LYS D 43 2.92 0.57 -11.78
C LYS D 43 3.50 0.56 -13.18
N GLY D 44 3.92 -0.61 -13.66
CA GLY D 44 4.58 -0.72 -14.96
C GLY D 44 3.62 -0.64 -16.14
N LEU D 45 4.17 -0.69 -17.35
CA LEU D 45 3.35 -0.72 -18.56
C LEU D 45 3.01 -2.17 -18.86
N GLU D 46 1.87 -2.36 -19.51
CA GLU D 46 1.40 -3.68 -19.86
C GLU D 46 0.66 -3.55 -21.17
N TRP D 47 1.16 -4.23 -22.18
CA TRP D 47 0.53 -4.33 -23.49
C TRP D 47 -0.82 -5.04 -23.38
N VAL D 48 -1.81 -4.61 -24.17
CA VAL D 48 -3.19 -5.07 -24.00
C VAL D 48 -3.71 -5.75 -25.25
N SER D 49 -3.72 -5.03 -26.35
CA SER D 49 -4.11 -5.62 -27.60
C SER D 49 -3.32 -5.05 -28.78
N ARG D 50 -3.37 -5.74 -29.92
CA ARG D 50 -2.78 -5.26 -31.16
C ARG D 50 -3.62 -5.66 -32.39
N ILE D 51 -3.49 -4.90 -33.48
CA ILE D 51 -4.24 -5.08 -34.72
C ILE D 51 -3.40 -4.71 -35.99
N GLY D 52 -3.29 -5.66 -36.92
CA GLY D 52 -2.58 -5.44 -38.14
C GLY D 52 -3.24 -4.42 -39.05
N PRO D 53 -2.45 -3.82 -39.96
CA PRO D 53 -2.83 -2.83 -40.97
C PRO D 53 -4.19 -3.03 -41.59
N SER D 54 -4.50 -4.23 -42.06
CA SER D 54 -5.73 -4.44 -42.84
C SER D 54 -6.99 -4.53 -41.98
N GLY D 55 -6.81 -4.62 -40.67
CA GLY D 55 -7.77 -5.35 -39.82
C GLY D 55 -7.01 -6.54 -39.28
N GLY D 56 -6.11 -7.05 -40.12
CA GLY D 56 -4.94 -7.87 -39.72
C GLY D 56 -5.26 -8.93 -38.71
N PRO D 57 -4.25 -9.71 -38.30
CA PRO D 57 -4.55 -10.53 -37.13
C PRO D 57 -4.67 -9.65 -35.88
N THR D 58 -5.47 -10.11 -34.94
CA THR D 58 -5.74 -9.39 -33.73
C THR D 58 -5.23 -10.22 -32.57
N HIS D 59 -4.73 -9.60 -31.51
CA HIS D 59 -4.13 -10.35 -30.42
C HIS D 59 -4.38 -9.58 -29.17
N TYR D 60 -4.43 -10.29 -28.07
CA TYR D 60 -4.87 -9.73 -26.79
C TYR D 60 -4.04 -10.33 -25.67
N ALA D 61 -3.68 -9.53 -24.67
CA ALA D 61 -3.12 -10.05 -23.41
C ALA D 61 -4.06 -11.10 -22.77
N ASP D 62 -3.49 -12.10 -22.09
CA ASP D 62 -4.28 -13.15 -21.44
C ASP D 62 -5.26 -12.52 -20.48
N SER D 63 -4.87 -11.46 -19.77
CA SER D 63 -5.71 -10.95 -18.66
C SER D 63 -7.03 -10.25 -19.13
N VAL D 64 -7.19 -10.14 -20.46
CA VAL D 64 -8.12 -9.26 -21.14
C VAL D 64 -8.85 -10.02 -22.24
N LYS D 65 -8.33 -11.19 -22.63
CA LYS D 65 -8.94 -11.96 -23.70
C LYS D 65 -10.37 -12.27 -23.32
N GLY D 66 -11.27 -12.14 -24.29
CA GLY D 66 -12.65 -12.50 -24.08
C GLY D 66 -13.52 -11.34 -23.68
N ARG D 67 -12.91 -10.28 -23.18
CA ARG D 67 -13.63 -9.13 -22.67
C ARG D 67 -13.36 -7.85 -23.46
N PHE D 68 -12.15 -7.70 -24.00
CA PHE D 68 -11.81 -6.54 -24.84
C PHE D 68 -11.83 -6.92 -26.33
N THR D 69 -12.17 -5.97 -27.18
CA THR D 69 -12.12 -6.15 -28.63
C THR D 69 -11.49 -4.93 -29.23
N ILE D 70 -10.37 -5.14 -29.92
CA ILE D 70 -9.67 -4.09 -30.65
C ILE D 70 -10.16 -4.10 -32.08
N SER D 71 -10.37 -2.91 -32.65
CA SER D 71 -10.79 -2.74 -34.05
C SER D 71 -10.32 -1.38 -34.60
N ARG D 72 -10.62 -1.13 -35.87
CA ARG D 72 -10.12 0.06 -36.56
C ARG D 72 -10.94 0.36 -37.80
N ASP D 73 -11.08 1.65 -38.12
CA ASP D 73 -11.71 2.12 -39.36
C ASP D 73 -10.67 2.91 -40.18
N ASN D 74 -10.17 2.30 -41.24
CA ASN D 74 -9.11 2.90 -42.02
C ASN D 74 -9.56 4.13 -42.83
N SER D 75 -10.75 4.06 -43.40
CA SER D 75 -11.35 5.20 -44.11
C SER D 75 -11.38 6.46 -43.22
N LYS D 76 -11.61 6.27 -41.91
CA LYS D 76 -11.70 7.39 -40.96
C LYS D 76 -10.56 7.49 -39.93
N ASN D 77 -9.40 6.89 -40.20
CA ASN D 77 -8.20 7.00 -39.34
C ASN D 77 -8.38 6.84 -37.82
N THR D 78 -9.25 5.92 -37.41
CA THR D 78 -9.57 5.75 -35.99
C THR D 78 -9.33 4.33 -35.53
N LEU D 79 -8.68 4.19 -34.40
CA LEU D 79 -8.49 2.91 -33.76
C LEU D 79 -9.58 2.84 -32.66
N TYR D 80 -10.04 1.64 -32.32
CA TYR D 80 -11.05 1.46 -31.22
C TYR D 80 -10.62 0.45 -30.15
N LEU D 81 -11.10 0.60 -28.92
CA LEU D 81 -11.02 -0.50 -27.92
C LEU D 81 -12.36 -0.74 -27.13
N GLN D 82 -13.09 -1.79 -27.49
CA GLN D 82 -14.31 -2.13 -26.76
C GLN D 82 -13.92 -2.93 -25.51
N MET D 83 -14.29 -2.40 -24.34
CA MET D 83 -13.90 -3.01 -23.07
C MET D 83 -15.18 -3.39 -22.38
N ASN D 84 -15.48 -4.67 -22.28
CA ASN D 84 -16.63 -5.15 -21.50
C ASN D 84 -16.24 -5.82 -20.17
N SER D 85 -17.21 -5.97 -19.27
CA SER D 85 -16.98 -6.68 -18.04
C SER D 85 -15.71 -6.16 -17.37
N LEU D 86 -15.65 -4.83 -17.23
CA LEU D 86 -14.55 -4.16 -16.57
C LEU D 86 -14.40 -4.43 -15.04
N ARG D 87 -13.12 -4.59 -14.67
CA ARG D 87 -12.72 -4.98 -13.34
C ARG D 87 -11.89 -3.87 -12.69
N ALA D 88 -11.94 -3.78 -11.38
CA ALA D 88 -11.06 -2.89 -10.62
C ALA D 88 -9.64 -2.81 -11.25
N GLU D 89 -9.10 -3.98 -11.60
CA GLU D 89 -7.75 -4.10 -12.16
C GLU D 89 -7.56 -3.44 -13.50
N ASP D 90 -8.63 -3.09 -14.18
CA ASP D 90 -8.52 -2.51 -15.52
C ASP D 90 -8.28 -0.99 -15.39
N THR D 91 -8.51 -0.48 -14.18
CA THR D 91 -8.12 0.90 -13.87
C THR D 91 -6.70 1.24 -14.29
N ALA D 92 -6.54 2.22 -15.18
CA ALA D 92 -5.21 2.54 -15.75
C ALA D 92 -5.28 3.63 -16.83
N VAL D 93 -4.15 4.22 -17.17
CA VAL D 93 -4.10 5.05 -18.33
C VAL D 93 -3.85 4.18 -19.57
N TYR D 94 -4.76 4.26 -20.54
CA TYR D 94 -4.67 3.49 -21.76
C TYR D 94 -4.06 4.35 -22.84
N TYR D 95 -2.89 3.90 -23.30
CA TYR D 95 -2.18 4.52 -24.44
C TYR D 95 -2.47 3.81 -25.72
N CYS D 96 -2.57 4.60 -26.78
CA CYS D 96 -2.73 4.10 -28.12
C CYS D 96 -1.35 4.17 -28.73
N ALA D 97 -0.95 3.11 -29.44
CA ALA D 97 0.42 3.02 -29.94
C ALA D 97 0.47 2.47 -31.37
N GLY D 98 1.52 2.87 -32.11
CA GLY D 98 1.67 2.50 -33.51
C GLY D 98 3.03 1.95 -33.85
N TYR D 99 3.11 1.07 -34.84
CA TYR D 99 4.38 0.53 -35.38
C TYR D 99 4.36 0.48 -36.91
N ASP D 100 5.48 0.83 -37.52
CA ASP D 100 5.57 0.82 -38.98
C ASP D 100 6.82 0.07 -39.44
N SER D 101 6.57 -0.99 -40.22
CA SER D 101 7.62 -1.91 -40.66
C SER D 101 8.66 -1.21 -41.53
N GLY D 102 8.27 -0.13 -42.20
CA GLY D 102 9.17 0.63 -43.05
C GLY D 102 10.36 1.16 -42.31
N TYR D 103 10.16 1.47 -41.03
CA TYR D 103 11.19 2.07 -40.15
C TYR D 103 11.78 1.07 -39.17
N ASP D 104 11.53 -0.24 -39.36
CA ASP D 104 12.05 -1.30 -38.50
C ASP D 104 13.12 -2.00 -39.30
N TYR D 105 14.38 -1.68 -39.05
CA TYR D 105 15.48 -2.06 -39.97
C TYR D 105 16.10 -3.41 -39.63
N VAL D 106 15.33 -4.45 -39.88
CA VAL D 106 15.68 -5.82 -39.52
C VAL D 106 15.24 -6.70 -40.68
N ALA D 107 16.00 -7.74 -40.97
CA ALA D 107 15.77 -8.56 -42.16
C ALA D 107 14.51 -9.38 -42.02
N VAL D 108 14.37 -10.08 -40.89
CA VAL D 108 13.18 -10.90 -40.53
C VAL D 108 12.66 -10.36 -39.22
N ALA D 109 11.37 -10.08 -39.15
CA ALA D 109 10.75 -9.46 -38.00
C ALA D 109 10.77 -10.37 -36.75
N GLY D 110 10.96 -9.77 -35.58
CA GLY D 110 11.03 -10.52 -34.30
C GLY D 110 9.69 -11.07 -33.81
N PRO D 111 9.74 -12.02 -32.85
CA PRO D 111 8.59 -12.77 -32.38
C PRO D 111 7.41 -11.86 -32.10
N ALA D 112 7.62 -10.85 -31.28
CA ALA D 112 6.60 -9.85 -31.02
C ALA D 112 7.02 -8.50 -31.63
N GLU D 113 6.43 -7.42 -31.14
CA GLU D 113 6.60 -6.08 -31.65
C GLU D 113 6.78 -5.06 -30.54
N TYR D 114 7.33 -3.91 -30.94
CA TYR D 114 7.56 -2.75 -30.08
C TYR D 114 6.79 -1.54 -30.65
N PHE D 115 6.87 -0.37 -30.01
CA PHE D 115 6.01 0.75 -30.35
C PHE D 115 6.73 2.06 -30.68
N GLN D 116 6.65 2.43 -31.95
CA GLN D 116 7.35 3.60 -32.44
C GLN D 116 6.74 4.94 -32.04
N HIS D 117 5.45 5.01 -31.92
CA HIS D 117 4.74 6.25 -31.67
C HIS D 117 3.70 5.99 -30.65
N TRP D 118 3.35 7.01 -29.90
CA TRP D 118 2.36 6.85 -28.82
C TRP D 118 1.53 8.09 -28.67
N GLY D 119 0.31 7.93 -28.18
CA GLY D 119 -0.53 9.07 -27.81
C GLY D 119 -0.30 9.38 -26.34
N GLN D 120 -0.87 10.48 -25.86
CA GLN D 120 -0.59 10.99 -24.51
C GLN D 120 -1.33 10.19 -23.46
N GLY D 121 -2.33 9.44 -23.87
CA GLY D 121 -3.03 8.50 -22.98
C GLY D 121 -4.29 9.04 -22.32
N THR D 122 -5.15 8.14 -21.86
CA THR D 122 -6.35 8.55 -21.18
C THR D 122 -6.74 7.65 -20.02
N LEU D 123 -7.10 8.25 -18.90
CA LEU D 123 -7.32 7.50 -17.67
C LEU D 123 -8.71 6.81 -17.73
N VAL D 124 -8.74 5.55 -17.32
CA VAL D 124 -9.99 4.81 -17.14
C VAL D 124 -10.01 4.35 -15.70
N THR D 125 -11.04 4.73 -14.96
CA THR D 125 -11.18 4.36 -13.53
C THR D 125 -12.41 3.48 -13.39
N VAL D 126 -12.22 2.28 -12.88
CA VAL D 126 -13.33 1.40 -12.73
C VAL D 126 -13.54 1.20 -11.23
N SER D 127 -14.56 1.91 -10.74
CA SER D 127 -14.99 1.92 -9.34
C SER D 127 -16.54 2.10 -9.23
N SER D 128 -17.10 1.60 -8.14
CA SER D 128 -18.49 1.83 -7.84
C SER D 128 -18.70 3.18 -7.15
N ALA D 129 -17.64 3.87 -6.77
CA ALA D 129 -17.76 5.23 -6.23
C ALA D 129 -18.40 6.23 -7.21
N SER D 130 -19.06 7.25 -6.68
CA SER D 130 -19.70 8.30 -7.47
C SER D 130 -18.71 9.38 -7.83
N THR D 131 -18.98 10.08 -8.94
CA THR D 131 -18.27 11.32 -9.21
C THR D 131 -18.57 12.29 -8.08
N LYS D 132 -17.55 13.05 -7.73
CA LYS D 132 -17.70 14.06 -6.69
C LYS D 132 -16.76 15.25 -6.90
N GLY D 133 -17.33 16.43 -6.95
CA GLY D 133 -16.56 17.65 -7.16
C GLY D 133 -15.84 18.06 -5.89
N PRO D 134 -14.80 18.90 -6.03
CA PRO D 134 -14.01 19.30 -4.91
C PRO D 134 -14.57 20.47 -4.13
N SER D 135 -14.24 20.49 -2.84
CA SER D 135 -14.30 21.67 -1.99
C SER D 135 -12.94 22.36 -2.05
N VAL D 136 -12.89 23.63 -2.44
CA VAL D 136 -11.62 24.39 -2.53
C VAL D 136 -11.48 25.34 -1.35
N PHE D 137 -10.48 25.13 -0.52
CA PHE D 137 -10.32 25.88 0.71
C PHE D 137 -9.06 26.71 0.66
N PRO D 138 -9.10 27.93 1.23
CA PRO D 138 -7.95 28.85 1.17
C PRO D 138 -6.82 28.44 2.11
N LEU D 139 -5.57 28.56 1.65
CA LEU D 139 -4.42 28.43 2.54
C LEU D 139 -3.81 29.81 2.61
N ALA D 140 -4.29 30.56 3.58
CA ALA D 140 -4.04 32.00 3.65
C ALA D 140 -2.77 32.27 4.44
N PRO D 141 -1.99 33.26 3.98
CA PRO D 141 -0.77 33.72 4.66
C PRO D 141 -0.95 34.05 6.15
N SER D 142 -0.29 33.25 7.01
CA SER D 142 0.07 33.57 8.43
C SER D 142 0.43 32.31 9.30
N SER D 143 1.51 32.45 10.09
CA SER D 143 2.15 31.34 10.82
C SER D 143 2.38 31.67 12.30
N SER D 147 6.52 35.34 8.35
CA SER D 147 7.93 35.55 8.64
C SER D 147 8.40 36.91 8.11
N GLY D 148 8.55 37.03 6.78
CA GLY D 148 9.05 38.28 6.13
C GLY D 148 9.70 38.04 4.78
N GLY D 149 9.59 39.01 3.88
CA GLY D 149 10.24 38.96 2.56
C GLY D 149 9.50 38.17 1.50
N THR D 150 9.09 36.95 1.85
CA THR D 150 8.44 36.04 0.93
C THR D 150 7.30 35.31 1.65
N ALA D 151 6.15 35.20 0.97
CA ALA D 151 4.94 34.63 1.56
C ALA D 151 4.53 33.40 0.81
N ALA D 152 3.93 32.45 1.52
CA ALA D 152 3.31 31.30 0.90
C ALA D 152 1.79 31.48 0.91
N LEU D 153 1.17 31.29 -0.25
CA LEU D 153 -0.29 31.34 -0.46
C LEU D 153 -0.65 29.99 -1.02
N GLY D 154 -1.91 29.59 -0.89
CA GLY D 154 -2.34 28.37 -1.54
C GLY D 154 -3.79 27.98 -1.47
N CYS D 155 -4.07 26.86 -2.13
CA CYS D 155 -5.38 26.21 -2.15
C CYS D 155 -5.33 24.75 -1.73
N LEU D 156 -6.22 24.36 -0.81
CA LEU D 156 -6.43 22.95 -0.47
C LEU D 156 -7.62 22.45 -1.28
N VAL D 157 -7.39 21.57 -2.26
CA VAL D 157 -8.48 21.05 -3.08
C VAL D 157 -8.94 19.73 -2.50
N LYS D 158 -10.08 19.73 -1.82
CA LYS D 158 -10.39 18.60 -0.97
C LYS D 158 -11.57 17.81 -1.45
N ASP D 159 -11.49 16.49 -1.25
CA ASP D 159 -12.66 15.58 -1.33
C ASP D 159 -13.30 15.55 -2.72
N TYR D 160 -12.52 15.11 -3.69
CA TYR D 160 -12.99 14.96 -5.07
C TYR D 160 -12.71 13.52 -5.55
N PHE D 161 -13.41 13.12 -6.61
CA PHE D 161 -13.33 11.77 -7.21
C PHE D 161 -13.90 11.85 -8.61
N PRO D 162 -13.40 11.00 -9.52
CA PRO D 162 -12.00 10.60 -9.69
C PRO D 162 -11.02 11.71 -9.97
N GLU D 163 -9.75 11.29 -10.06
CA GLU D 163 -8.69 12.07 -10.69
C GLU D 163 -9.17 12.43 -12.10
N PRO D 164 -8.39 13.27 -12.78
CA PRO D 164 -7.67 14.47 -12.28
C PRO D 164 -8.31 15.85 -12.09
N VAL D 165 -7.50 16.71 -11.48
CA VAL D 165 -7.84 18.08 -11.18
C VAL D 165 -6.66 18.90 -11.71
N THR D 166 -6.89 19.98 -12.47
CA THR D 166 -5.83 20.98 -12.74
C THR D 166 -6.10 22.30 -11.98
N VAL D 167 -5.01 22.97 -11.62
CA VAL D 167 -5.11 24.23 -10.90
C VAL D 167 -4.27 25.20 -11.63
N SER D 168 -4.79 26.41 -11.83
CA SER D 168 -3.97 27.52 -12.29
C SER D 168 -4.11 28.68 -11.28
N TRP D 169 -3.28 29.73 -11.44
CA TRP D 169 -3.37 30.93 -10.61
C TRP D 169 -3.50 32.16 -11.48
N ASN D 170 -4.53 32.97 -11.21
CA ASN D 170 -4.84 34.17 -11.99
C ASN D 170 -4.92 33.92 -13.50
N SER D 171 -5.63 32.84 -13.84
CA SER D 171 -5.89 32.42 -15.24
C SER D 171 -4.61 32.11 -16.04
N GLY D 172 -3.66 31.43 -15.41
CA GLY D 172 -2.37 31.16 -16.02
C GLY D 172 -1.46 32.37 -16.01
N ALA D 173 -1.88 33.46 -15.36
CA ALA D 173 -1.12 34.72 -15.35
C ALA D 173 -0.01 34.72 -14.29
N LEU D 174 -0.21 33.94 -13.22
CA LEU D 174 0.84 33.69 -12.26
C LEU D 174 1.28 32.24 -12.44
N THR D 175 2.58 32.06 -12.72
CA THR D 175 3.20 30.73 -12.86
C THR D 175 4.52 30.61 -12.08
N SER D 176 5.28 31.69 -11.97
CA SER D 176 6.45 31.71 -11.11
C SER D 176 6.08 31.36 -9.67
N GLY D 177 6.71 30.31 -9.14
CA GLY D 177 6.58 29.91 -7.74
C GLY D 177 5.45 28.94 -7.46
N VAL D 178 4.72 28.55 -8.50
CA VAL D 178 3.61 27.68 -8.29
C VAL D 178 4.15 26.28 -8.08
N HIS D 179 3.64 25.63 -7.06
CA HIS D 179 3.77 24.18 -6.98
C HIS D 179 2.36 23.65 -6.82
N THR D 180 2.01 22.66 -7.65
CA THR D 180 0.81 21.84 -7.48
C THR D 180 1.27 20.41 -7.18
N PHE D 181 0.85 19.91 -6.03
CA PHE D 181 1.35 18.64 -5.57
C PHE D 181 0.49 17.52 -6.13
N PRO D 182 1.06 16.30 -6.24
CA PRO D 182 0.27 15.10 -6.54
C PRO D 182 -0.89 14.90 -5.58
N ALA D 183 -2.08 14.62 -6.09
CA ALA D 183 -3.17 14.17 -5.24
C ALA D 183 -2.77 12.97 -4.34
N VAL D 184 -3.34 12.92 -3.16
CA VAL D 184 -3.26 11.73 -2.29
C VAL D 184 -4.68 11.20 -2.11
N LEU D 185 -4.81 9.90 -1.91
CA LEU D 185 -6.12 9.27 -1.81
C LEU D 185 -6.36 9.08 -0.31
N GLN D 186 -7.41 9.67 0.23
CA GLN D 186 -7.59 9.64 1.66
C GLN D 186 -8.19 8.32 2.09
N SER D 187 -8.23 8.09 3.40
CA SER D 187 -8.92 6.93 3.94
C SER D 187 -10.40 6.95 3.54
N SER D 188 -10.93 8.12 3.20
CA SER D 188 -12.34 8.29 2.81
C SER D 188 -12.65 7.67 1.49
N GLY D 189 -11.67 7.49 0.63
CA GLY D 189 -11.92 7.05 -0.76
C GLY D 189 -11.83 8.21 -1.75
N LEU D 190 -11.72 9.43 -1.22
CA LEU D 190 -11.60 10.63 -2.05
C LEU D 190 -10.16 11.13 -2.08
N TYR D 191 -9.90 11.94 -3.09
CA TYR D 191 -8.58 12.50 -3.32
C TYR D 191 -8.54 13.93 -2.76
N SER D 192 -7.36 14.31 -2.32
CA SER D 192 -7.08 15.67 -1.90
C SER D 192 -5.78 16.19 -2.49
N LEU D 193 -5.73 17.49 -2.80
CA LEU D 193 -4.60 18.10 -3.48
C LEU D 193 -4.32 19.48 -2.93
N SER D 194 -3.07 19.91 -2.95
CA SER D 194 -2.72 21.30 -2.58
C SER D 194 -1.99 21.98 -3.72
N SER D 195 -2.20 23.29 -3.84
CA SER D 195 -1.44 24.09 -4.77
C SER D 195 -1.02 25.38 -4.06
N VAL D 196 0.26 25.73 -4.18
CA VAL D 196 0.83 26.82 -3.45
C VAL D 196 1.68 27.71 -4.35
N VAL D 197 1.79 28.99 -3.95
CA VAL D 197 2.70 29.91 -4.59
C VAL D 197 3.52 30.64 -3.55
N THR D 198 4.75 30.98 -3.90
CA THR D 198 5.50 31.94 -3.12
C THR D 198 5.41 33.29 -3.84
N VAL D 199 5.15 34.34 -3.07
CA VAL D 199 5.04 35.68 -3.63
C VAL D 199 5.75 36.67 -2.70
N PRO D 200 6.20 37.83 -3.25
CA PRO D 200 6.78 38.85 -2.38
C PRO D 200 5.75 39.40 -1.39
N SER D 201 6.12 39.47 -0.11
CA SER D 201 5.14 39.82 0.93
C SER D 201 4.67 41.28 0.89
N SER D 202 5.47 42.16 0.29
CA SER D 202 5.08 43.56 0.12
C SER D 202 3.82 43.78 -0.75
N SER D 203 3.51 42.84 -1.63
CA SER D 203 2.36 42.95 -2.55
C SER D 203 1.14 42.11 -2.14
N LEU D 204 1.06 41.78 -0.86
CA LEU D 204 -0.07 41.05 -0.30
C LEU D 204 -1.27 41.98 -0.04
N GLY D 205 -0.99 43.29 0.13
CA GLY D 205 -2.03 44.31 0.24
C GLY D 205 -2.68 44.57 -1.12
N THR D 206 -1.85 44.91 -2.10
CA THR D 206 -2.32 45.42 -3.39
C THR D 206 -2.95 44.40 -4.32
N GLN D 207 -2.31 43.23 -4.50
CA GLN D 207 -2.69 42.29 -5.59
C GLN D 207 -3.56 41.13 -5.15
N THR D 208 -4.50 40.79 -6.03
CA THR D 208 -5.46 39.76 -5.78
C THR D 208 -4.90 38.41 -6.28
N TYR D 209 -5.18 37.37 -5.51
CA TYR D 209 -4.73 36.03 -5.83
C TYR D 209 -5.89 35.05 -5.83
N ILE D 210 -6.32 34.63 -7.02
CA ILE D 210 -7.40 33.64 -7.16
C ILE D 210 -6.83 32.32 -7.71
N CYS D 211 -7.20 31.21 -7.04
CA CYS D 211 -6.79 29.89 -7.50
C CYS D 211 -7.96 29.32 -8.33
N ASN D 212 -7.66 28.93 -9.57
CA ASN D 212 -8.68 28.46 -10.49
C ASN D 212 -8.65 26.93 -10.54
N VAL D 213 -9.72 26.28 -10.13
CA VAL D 213 -9.70 24.82 -10.09
C VAL D 213 -10.64 24.24 -11.10
N ASN D 214 -10.13 23.27 -11.86
CA ASN D 214 -10.90 22.61 -12.91
C ASN D 214 -10.89 21.10 -12.67
N HIS D 215 -12.07 20.52 -12.44
CA HIS D 215 -12.22 19.06 -12.22
C HIS D 215 -13.10 18.57 -13.30
N LYS D 216 -12.52 18.19 -14.42
CA LYS D 216 -13.32 17.85 -15.60
C LYS D 216 -14.21 16.65 -15.39
N PRO D 217 -13.69 15.61 -14.70
CA PRO D 217 -14.54 14.45 -14.41
C PRO D 217 -15.93 14.78 -13.90
N SER D 218 -16.11 15.82 -13.11
CA SER D 218 -17.45 16.14 -12.60
C SER D 218 -18.03 17.41 -13.20
N ASN D 219 -17.40 17.89 -14.27
CA ASN D 219 -17.85 19.09 -15.01
C ASN D 219 -17.93 20.34 -14.10
N THR D 220 -16.96 20.46 -13.18
CA THR D 220 -16.90 21.54 -12.19
C THR D 220 -15.69 22.49 -12.32
N LYS D 221 -15.96 23.79 -12.14
CA LYS D 221 -14.94 24.82 -12.00
C LYS D 221 -15.28 25.71 -10.80
N VAL D 222 -14.26 25.96 -9.98
CA VAL D 222 -14.31 26.84 -8.82
C VAL D 222 -13.16 27.85 -8.90
N ASP D 223 -13.46 29.12 -8.68
CA ASP D 223 -12.41 30.10 -8.48
C ASP D 223 -12.43 30.49 -7.02
N LYS D 224 -11.25 30.60 -6.42
CA LYS D 224 -11.21 30.92 -5.00
C LYS D 224 -10.22 32.03 -4.69
N ARG D 225 -10.74 33.08 -4.05
CA ARG D 225 -9.94 34.21 -3.65
C ARG D 225 -9.18 33.85 -2.38
N VAL D 226 -7.86 34.06 -2.42
CA VAL D 226 -6.98 33.80 -1.29
C VAL D 226 -6.59 35.16 -0.75
N GLU D 227 -7.08 35.44 0.43
CA GLU D 227 -6.92 36.70 1.13
C GLU D 227 -6.18 36.44 2.46
N PRO D 228 -5.24 37.29 2.84
CA PRO D 228 -4.59 37.03 4.13
C PRO D 228 -5.61 37.21 5.23
N LYS D 229 -5.64 36.31 6.18
CA LYS D 229 -6.57 36.55 7.23
C LYS D 229 -6.09 37.64 8.13
N SER D 230 -6.96 38.61 8.29
CA SER D 230 -6.65 39.69 9.18
C SER D 230 -5.90 39.12 10.38
N CYS D 231 -4.58 39.37 10.27
CA CYS D 231 -3.43 39.08 11.18
C CYS D 231 -2.64 37.86 10.78
N GLN E 29 -47.96 -16.67 -28.75
CA GLN E 29 -46.97 -16.58 -27.64
C GLN E 29 -47.66 -16.58 -26.27
N GLY E 30 -46.95 -17.10 -25.26
CA GLY E 30 -47.38 -17.02 -23.87
C GLY E 30 -46.34 -16.29 -23.04
N LYS E 31 -46.11 -15.00 -23.35
CA LYS E 31 -45.03 -14.22 -22.71
C LYS E 31 -45.09 -14.21 -21.19
N GLU E 32 -43.90 -14.23 -20.58
CA GLU E 32 -43.78 -14.10 -19.16
C GLU E 32 -43.69 -12.62 -18.82
N VAL E 33 -44.24 -12.26 -17.67
CA VAL E 33 -44.21 -10.90 -17.19
C VAL E 33 -43.54 -10.92 -15.84
N VAL E 34 -42.41 -10.23 -15.72
CA VAL E 34 -41.61 -10.31 -14.52
C VAL E 34 -42.14 -9.34 -13.45
N LEU E 35 -42.43 -9.87 -12.25
CA LEU E 35 -42.92 -9.04 -11.11
C LEU E 35 -41.83 -8.56 -10.16
N LEU E 36 -40.77 -9.36 -10.00
CA LEU E 36 -39.65 -9.05 -9.13
C LEU E 36 -38.42 -9.72 -9.74
N ASP E 37 -37.32 -9.00 -9.88
CA ASP E 37 -36.09 -9.68 -10.33
C ASP E 37 -34.84 -9.20 -9.54
N PHE E 38 -34.44 -10.00 -8.56
CA PHE E 38 -33.40 -9.58 -7.64
C PHE E 38 -32.06 -9.24 -8.29
N ALA E 39 -31.48 -10.16 -9.04
CA ALA E 39 -30.18 -9.92 -9.63
C ALA E 39 -30.21 -8.67 -10.49
N ALA E 40 -31.32 -8.43 -11.18
CA ALA E 40 -31.43 -7.24 -12.05
C ALA E 40 -31.32 -5.89 -11.31
N ALA E 41 -31.52 -5.87 -9.98
CA ALA E 41 -31.42 -4.62 -9.16
C ALA E 41 -29.98 -4.15 -8.95
N GLY E 42 -29.02 -5.04 -9.13
CA GLY E 42 -27.60 -4.67 -9.05
C GLY E 42 -27.21 -4.16 -7.67
N GLY E 43 -27.75 -4.80 -6.62
CA GLY E 43 -27.36 -4.50 -5.24
C GLY E 43 -28.08 -3.32 -4.61
N GLU E 44 -28.95 -2.68 -5.38
CA GLU E 44 -29.75 -1.55 -4.90
C GLU E 44 -30.99 -1.96 -4.10
N LEU E 45 -31.33 -3.25 -4.06
CA LEU E 45 -32.57 -3.69 -3.44
C LEU E 45 -32.34 -4.31 -2.05
N GLY E 46 -32.60 -3.53 -1.00
CA GLY E 46 -32.46 -4.02 0.39
C GLY E 46 -33.73 -4.71 0.84
N TRP E 47 -33.62 -5.94 1.30
CA TRP E 47 -34.71 -6.69 1.87
C TRP E 47 -34.57 -6.72 3.39
N LEU E 48 -35.69 -6.97 4.05
CA LEU E 48 -35.77 -7.03 5.51
C LEU E 48 -35.21 -8.39 6.00
N THR E 49 -34.41 -8.33 7.06
CA THR E 49 -33.94 -9.52 7.72
C THR E 49 -34.39 -9.49 9.20
N HIS E 50 -34.59 -10.66 9.76
CA HIS E 50 -35.14 -10.80 11.13
C HIS E 50 -34.43 -12.04 11.61
N PRO E 51 -34.15 -12.12 12.91
CA PRO E 51 -33.49 -11.09 13.73
C PRO E 51 -32.52 -10.14 13.05
N TYR E 52 -32.64 -8.86 13.40
CA TYR E 52 -31.69 -7.87 12.92
C TYR E 52 -30.38 -8.16 13.58
N GLY E 53 -29.34 -8.37 12.76
CA GLY E 53 -27.97 -8.56 13.23
C GLY E 53 -27.42 -9.92 12.86
N LYS E 54 -27.96 -10.96 13.49
CA LYS E 54 -27.59 -12.33 13.13
C LYS E 54 -28.44 -12.71 11.92
N GLY E 55 -27.99 -13.70 11.16
CA GLY E 55 -28.77 -14.18 10.01
C GLY E 55 -28.35 -13.64 8.68
N TRP E 56 -29.34 -13.46 7.81
CA TRP E 56 -29.05 -13.23 6.43
C TRP E 56 -28.31 -11.90 6.24
N ASP E 57 -27.34 -11.89 5.34
CA ASP E 57 -26.74 -10.62 4.97
C ASP E 57 -26.38 -10.51 3.50
N LEU E 58 -26.57 -9.31 3.00
CA LEU E 58 -26.22 -8.97 1.66
C LEU E 58 -24.71 -8.93 1.54
N MET E 59 -24.17 -9.58 0.53
CA MET E 59 -22.78 -9.41 0.24
C MET E 59 -22.56 -9.35 -1.24
N GLN E 60 -21.34 -8.99 -1.61
CA GLN E 60 -20.98 -8.79 -2.99
C GLN E 60 -19.84 -9.74 -3.34
N ASN E 61 -19.74 -10.10 -4.61
CA ASN E 61 -18.75 -11.04 -5.06
C ASN E 61 -18.60 -10.98 -6.57
N ILE E 62 -17.46 -11.43 -7.06
CA ILE E 62 -17.21 -11.53 -8.48
C ILE E 62 -17.39 -12.97 -8.97
N MET E 63 -18.26 -13.15 -9.95
CA MET E 63 -18.47 -14.41 -10.68
C MET E 63 -18.52 -14.08 -12.18
N ASN E 64 -17.64 -14.70 -12.99
CA ASN E 64 -17.61 -14.52 -14.47
C ASN E 64 -17.22 -13.09 -14.88
N ASP E 65 -16.25 -12.55 -14.16
CA ASP E 65 -15.77 -11.16 -14.36
C ASP E 65 -16.90 -10.11 -14.23
N MET E 66 -17.90 -10.41 -13.41
CA MET E 66 -19.02 -9.50 -13.14
C MET E 66 -19.37 -9.48 -11.64
N PRO E 67 -19.73 -8.30 -11.10
CA PRO E 67 -20.12 -8.19 -9.70
C PRO E 67 -21.48 -8.75 -9.45
N ILE E 68 -21.58 -9.63 -8.49
CA ILE E 68 -22.86 -10.31 -8.21
C ILE E 68 -23.17 -10.17 -6.73
N TYR E 69 -24.43 -9.82 -6.43
CA TYR E 69 -24.83 -9.58 -5.06
C TYR E 69 -25.62 -10.78 -4.63
N MET E 70 -25.61 -11.10 -3.34
CA MET E 70 -26.33 -12.24 -2.85
C MET E 70 -26.65 -12.07 -1.40
N TYR E 71 -27.74 -12.68 -0.97
CA TYR E 71 -28.07 -12.81 0.43
C TYR E 71 -27.59 -14.15 0.91
N SER E 72 -27.01 -14.12 2.11
CA SER E 72 -26.22 -15.21 2.57
C SER E 72 -26.36 -15.43 4.03
N VAL E 73 -26.30 -16.68 4.47
CA VAL E 73 -26.20 -16.96 5.89
C VAL E 73 -25.44 -18.25 6.07
N CYS E 74 -24.61 -18.32 7.10
CA CYS E 74 -23.84 -19.54 7.36
C CYS E 74 -23.66 -19.83 8.85
N ASN E 75 -24.71 -19.78 9.63
CA ASN E 75 -24.61 -20.14 11.05
C ASN E 75 -24.80 -21.62 11.33
N VAL E 76 -23.88 -22.45 10.85
CA VAL E 76 -24.03 -23.91 10.89
C VAL E 76 -23.60 -24.60 12.19
N MET E 77 -23.06 -23.85 13.14
CA MET E 77 -22.55 -24.47 14.39
C MET E 77 -23.43 -24.29 15.61
N SER E 78 -23.95 -23.09 15.83
CA SER E 78 -25.04 -22.92 16.79
C SER E 78 -26.16 -23.67 16.10
N GLY E 79 -27.08 -24.25 16.85
CA GLY E 79 -28.17 -25.01 16.21
C GLY E 79 -29.60 -24.65 16.62
N ASP E 80 -29.86 -23.37 16.88
CA ASP E 80 -31.22 -22.89 17.23
C ASP E 80 -31.61 -21.79 16.24
N GLN E 81 -31.18 -21.96 14.99
CA GLN E 81 -31.28 -20.93 13.99
C GLN E 81 -32.64 -20.82 13.37
N ASP E 82 -33.14 -19.61 13.30
CA ASP E 82 -34.46 -19.30 12.73
C ASP E 82 -34.30 -17.95 12.07
N ASN E 83 -33.64 -17.90 10.93
CA ASN E 83 -33.33 -16.64 10.30
C ASN E 83 -34.16 -16.38 9.07
N TRP E 84 -34.81 -15.21 9.01
CA TRP E 84 -35.77 -14.93 7.95
C TRP E 84 -35.31 -13.79 7.09
N LEU E 85 -35.55 -13.93 5.79
CA LEU E 85 -35.38 -12.86 4.83
C LEU E 85 -36.75 -12.63 4.13
N ARG E 86 -37.11 -11.36 4.04
CA ARG E 86 -38.36 -10.97 3.45
C ARG E 86 -38.16 -10.01 2.28
N THR E 87 -38.73 -10.35 1.13
CA THR E 87 -38.74 -9.45 -0.02
C THR E 87 -39.56 -8.20 0.30
N ASN E 88 -39.42 -7.24 -0.60
CA ASN E 88 -40.26 -6.09 -0.63
C ASN E 88 -41.66 -6.54 -1.04
N TRP E 89 -42.64 -5.68 -0.81
CA TRP E 89 -43.97 -5.93 -1.16
C TRP E 89 -44.10 -5.84 -2.68
N VAL E 90 -44.65 -6.88 -3.33
CA VAL E 90 -44.73 -6.86 -4.77
C VAL E 90 -46.19 -6.74 -5.20
N TYR E 91 -46.46 -5.79 -6.09
CA TYR E 91 -47.78 -5.59 -6.61
C TYR E 91 -48.11 -6.78 -7.52
N ARG E 92 -49.30 -7.34 -7.37
CA ARG E 92 -49.70 -8.53 -8.09
C ARG E 92 -50.07 -8.25 -9.56
N GLY E 93 -50.84 -7.18 -9.74
CA GLY E 93 -51.34 -6.84 -11.05
C GLY E 93 -52.43 -7.81 -11.41
N GLU E 94 -52.30 -8.40 -12.60
CA GLU E 94 -53.32 -9.34 -13.13
C GLU E 94 -52.93 -10.80 -12.87
N ALA E 95 -51.73 -11.03 -12.37
CA ALA E 95 -51.27 -12.38 -12.03
C ALA E 95 -52.23 -13.06 -11.07
N GLU E 96 -52.70 -14.24 -11.44
CA GLU E 96 -53.43 -15.11 -10.51
C GLU E 96 -52.55 -16.27 -10.01
N ARG E 97 -51.60 -16.69 -10.81
CA ARG E 97 -50.68 -17.72 -10.39
C ARG E 97 -49.27 -17.25 -10.64
N ILE E 98 -48.39 -17.37 -9.66
CA ILE E 98 -47.00 -16.93 -9.81
C ILE E 98 -45.96 -18.05 -9.73
N PHE E 99 -44.89 -17.82 -10.48
CA PHE E 99 -43.76 -18.74 -10.56
C PHE E 99 -42.51 -18.09 -10.00
N ILE E 100 -41.88 -18.77 -9.08
CA ILE E 100 -40.75 -18.27 -8.31
C ILE E 100 -39.56 -19.16 -8.66
N GLU E 101 -38.57 -18.58 -9.35
CA GLU E 101 -37.34 -19.27 -9.69
C GLU E 101 -36.23 -18.80 -8.76
N LEU E 102 -35.64 -19.72 -8.00
CA LEU E 102 -34.49 -19.39 -7.13
C LEU E 102 -33.21 -19.96 -7.71
N LYS E 103 -32.10 -19.26 -7.50
CA LYS E 103 -30.79 -19.78 -7.83
C LYS E 103 -29.98 -19.62 -6.56
N PHE E 104 -29.33 -20.70 -6.14
CA PHE E 104 -28.61 -20.70 -4.88
C PHE E 104 -27.49 -21.76 -4.81
N THR E 105 -26.56 -21.51 -3.90
CA THR E 105 -25.53 -22.48 -3.55
C THR E 105 -25.70 -22.82 -2.10
N VAL E 106 -25.32 -24.05 -1.80
CA VAL E 106 -25.27 -24.56 -0.46
C VAL E 106 -23.96 -25.33 -0.30
N ARG E 107 -23.26 -25.14 0.81
CA ARG E 107 -22.02 -25.86 1.09
C ARG E 107 -22.31 -27.16 1.76
N ASP E 108 -21.47 -28.14 1.52
CA ASP E 108 -21.56 -29.47 2.17
C ASP E 108 -21.35 -29.39 3.69
N CYS E 109 -22.34 -29.81 4.46
CA CYS E 109 -22.17 -30.02 5.93
C CYS E 109 -20.91 -30.76 6.36
N ASN E 110 -20.58 -31.84 5.66
CA ASN E 110 -19.41 -32.59 5.97
C ASN E 110 -18.14 -31.78 5.83
N SER E 111 -18.23 -30.62 5.18
CA SER E 111 -17.06 -29.76 5.12
C SER E 111 -16.78 -29.02 6.45
N PHE E 112 -17.68 -29.12 7.43
CA PHE E 112 -17.47 -28.49 8.77
C PHE E 112 -17.28 -29.45 9.93
N PRO E 113 -16.04 -29.65 10.36
CA PRO E 113 -15.75 -30.44 11.53
C PRO E 113 -16.59 -30.03 12.73
N GLY E 114 -17.23 -31.01 13.37
CA GLY E 114 -18.04 -30.80 14.58
C GLY E 114 -19.45 -30.33 14.33
N GLY E 115 -19.85 -30.24 13.06
CA GLY E 115 -21.20 -29.77 12.65
C GLY E 115 -22.24 -30.83 12.30
N ALA E 116 -21.99 -32.08 12.67
CA ALA E 116 -22.91 -33.18 12.33
C ALA E 116 -24.37 -32.87 12.67
N SER E 117 -24.62 -32.37 13.86
CA SER E 117 -26.00 -32.29 14.40
C SER E 117 -26.59 -30.91 14.31
N SER E 118 -25.79 -29.94 13.87
CA SER E 118 -26.21 -28.55 13.83
C SER E 118 -26.39 -28.04 12.39
N CYS E 119 -25.61 -28.59 11.47
CA CYS E 119 -25.61 -28.16 10.09
C CYS E 119 -26.80 -28.74 9.30
N LYS E 120 -27.42 -27.95 8.44
CA LYS E 120 -28.51 -28.46 7.57
C LYS E 120 -28.18 -28.09 6.14
N GLU E 121 -28.86 -28.66 5.17
CA GLU E 121 -28.62 -28.25 3.77
C GLU E 121 -29.92 -27.97 3.07
N THR E 122 -30.87 -27.38 3.77
CA THR E 122 -32.08 -26.93 3.13
C THR E 122 -32.46 -25.62 3.71
N PHE E 123 -33.32 -24.91 3.01
CA PHE E 123 -33.99 -23.76 3.55
C PHE E 123 -35.45 -23.82 3.11
N ASN E 124 -36.26 -22.94 3.68
CA ASN E 124 -37.73 -22.89 3.43
C ASN E 124 -38.17 -21.63 2.75
N LEU E 125 -39.07 -21.80 1.79
CA LEU E 125 -39.63 -20.70 0.99
C LEU E 125 -41.04 -20.45 1.53
N TYR E 126 -41.33 -19.22 1.94
CA TYR E 126 -42.63 -18.88 2.46
C TYR E 126 -43.18 -17.74 1.63
N TYR E 127 -44.52 -17.54 1.73
CA TYR E 127 -45.14 -16.32 1.21
C TYR E 127 -46.31 -15.88 2.07
N ALA E 128 -46.72 -14.63 1.86
CA ALA E 128 -47.91 -14.02 2.49
C ALA E 128 -48.48 -12.95 1.56
N GLU E 129 -49.80 -12.84 1.55
CA GLU E 129 -50.49 -11.86 0.71
C GLU E 129 -51.07 -10.76 1.58
N SER E 130 -51.11 -9.52 1.11
CA SER E 130 -51.83 -8.46 1.78
C SER E 130 -52.16 -7.33 0.84
N ASP E 131 -53.19 -6.58 1.20
CA ASP E 131 -53.67 -5.48 0.42
C ASP E 131 -52.81 -4.22 0.60
N LEU E 132 -52.08 -4.18 1.70
CA LEU E 132 -51.27 -3.03 2.07
C LEU E 132 -49.87 -3.51 2.29
N ASP E 133 -48.97 -2.55 2.29
CA ASP E 133 -47.57 -2.79 2.52
C ASP E 133 -47.32 -2.50 3.97
N TYR E 134 -46.77 -3.47 4.70
CA TYR E 134 -46.51 -3.30 6.15
C TYR E 134 -45.15 -2.67 6.51
N GLY E 135 -44.32 -2.40 5.51
CA GLY E 135 -43.07 -1.71 5.76
C GLY E 135 -42.13 -2.58 6.55
N THR E 136 -41.52 -2.06 7.61
CA THR E 136 -40.60 -2.87 8.41
C THR E 136 -41.33 -3.84 9.39
N ASN E 137 -42.65 -3.83 9.39
CA ASN E 137 -43.40 -4.61 10.34
C ASN E 137 -43.52 -6.04 9.83
N PHE E 138 -42.69 -6.92 10.37
CA PHE E 138 -42.57 -8.27 9.87
C PHE E 138 -43.20 -9.25 10.87
N GLN E 139 -44.19 -9.97 10.40
CA GLN E 139 -45.00 -10.90 11.21
C GLN E 139 -44.92 -12.26 10.59
N LYS E 140 -43.93 -13.04 11.01
CA LYS E 140 -43.64 -14.31 10.34
C LYS E 140 -44.83 -15.28 10.44
N ARG E 141 -45.62 -15.14 11.49
CA ARG E 141 -46.83 -15.94 11.63
C ARG E 141 -47.89 -15.76 10.55
N LEU E 142 -47.88 -14.66 9.82
CA LEU E 142 -48.81 -14.54 8.71
C LEU E 142 -48.32 -15.26 7.44
N PHE E 143 -47.21 -15.97 7.49
CA PHE E 143 -46.61 -16.51 6.26
C PHE E 143 -46.96 -17.98 6.19
N THR E 144 -47.32 -18.48 5.01
CA THR E 144 -47.53 -19.88 4.79
C THR E 144 -46.34 -20.44 4.02
N LYS E 145 -46.01 -21.70 4.35
CA LYS E 145 -44.87 -22.36 3.69
C LYS E 145 -45.26 -22.85 2.29
N ILE E 146 -44.43 -22.55 1.32
CA ILE E 146 -44.54 -23.10 -0.02
C ILE E 146 -43.77 -24.38 -0.10
N ASP E 147 -42.47 -24.39 0.20
CA ASP E 147 -41.78 -25.70 0.20
C ASP E 147 -40.46 -25.67 0.91
N THR E 148 -39.94 -26.85 1.20
CA THR E 148 -38.53 -27.01 1.51
C THR E 148 -37.73 -26.95 0.21
N ILE E 149 -36.70 -26.09 0.15
CA ILE E 149 -35.89 -26.04 -1.04
C ILE E 149 -34.61 -26.75 -0.70
N ALA E 150 -34.19 -27.66 -1.56
CA ALA E 150 -33.04 -28.51 -1.32
C ALA E 150 -32.16 -28.48 -2.55
N PRO E 151 -30.84 -28.52 -2.36
CA PRO E 151 -29.96 -28.48 -3.51
C PRO E 151 -29.80 -29.86 -4.15
N ASP E 152 -29.70 -29.88 -5.49
CA ASP E 152 -29.33 -31.06 -6.25
C ASP E 152 -27.81 -31.25 -6.24
N GLU E 153 -27.04 -30.17 -6.07
CA GLU E 153 -25.56 -30.21 -5.96
C GLU E 153 -25.07 -29.39 -4.75
N ILE E 154 -24.48 -30.05 -3.74
CA ILE E 154 -23.77 -29.33 -2.69
C ILE E 154 -22.47 -28.83 -3.25
N THR E 155 -21.88 -27.84 -2.57
CA THR E 155 -20.55 -27.32 -2.88
C THR E 155 -19.56 -27.94 -1.90
N VAL E 156 -18.73 -28.85 -2.39
CA VAL E 156 -17.82 -29.60 -1.53
C VAL E 156 -16.64 -28.70 -1.26
N SER E 157 -15.81 -29.08 -0.30
CA SER E 157 -14.81 -28.15 0.18
C SER E 157 -13.68 -27.80 -0.84
N SER E 158 -13.36 -28.69 -1.78
CA SER E 158 -12.40 -28.32 -2.83
C SER E 158 -13.00 -27.31 -3.83
N ASP E 159 -14.33 -27.30 -4.01
CA ASP E 159 -15.00 -26.29 -4.86
C ASP E 159 -14.90 -24.89 -4.22
N PHE E 160 -15.22 -24.86 -2.93
CA PHE E 160 -15.16 -23.65 -2.14
C PHE E 160 -13.80 -22.99 -2.19
N GLU E 161 -12.76 -23.79 -2.00
CA GLU E 161 -11.39 -23.30 -1.93
C GLU E 161 -10.87 -22.93 -3.30
N ALA E 162 -11.50 -23.44 -4.35
CA ALA E 162 -11.18 -23.07 -5.72
C ALA E 162 -12.06 -21.92 -6.24
N ARG E 163 -12.99 -21.46 -5.41
CA ARG E 163 -13.89 -20.37 -5.79
C ARG E 163 -14.74 -20.74 -7.01
N HIS E 164 -15.11 -22.02 -7.16
CA HIS E 164 -16.07 -22.43 -8.18
C HIS E 164 -17.35 -22.50 -7.42
N VAL E 165 -18.45 -22.27 -8.12
CA VAL E 165 -19.74 -22.14 -7.47
C VAL E 165 -20.73 -23.08 -8.14
N LYS E 166 -21.31 -23.99 -7.35
CA LYS E 166 -22.28 -24.95 -7.86
C LYS E 166 -23.64 -24.30 -7.73
N LEU E 167 -24.15 -23.80 -8.84
CA LEU E 167 -25.46 -23.17 -8.85
C LEU E 167 -26.59 -24.22 -8.95
N ASN E 168 -27.62 -24.04 -8.14
CA ASN E 168 -28.83 -24.84 -8.23
C ASN E 168 -29.98 -23.93 -8.64
N VAL E 169 -30.93 -24.48 -9.39
CA VAL E 169 -32.15 -23.76 -9.82
C VAL E 169 -33.35 -24.56 -9.32
N GLU E 170 -34.25 -23.90 -8.62
CA GLU E 170 -35.48 -24.54 -8.19
C GLU E 170 -36.61 -23.57 -8.48
N GLU E 171 -37.66 -24.08 -9.07
CA GLU E 171 -38.86 -23.32 -9.31
C GLU E 171 -40.05 -23.89 -8.52
N ARG E 172 -40.89 -23.02 -8.00
CA ARG E 172 -42.15 -23.43 -7.44
C ARG E 172 -43.19 -22.44 -7.95
N SER E 173 -44.46 -22.70 -7.60
CA SER E 173 -45.52 -21.77 -7.91
C SER E 173 -46.57 -21.76 -6.80
N VAL E 174 -47.31 -20.67 -6.64
CA VAL E 174 -48.46 -20.71 -5.76
C VAL E 174 -49.67 -20.13 -6.36
N GLY E 175 -50.77 -20.70 -5.89
CA GLY E 175 -52.06 -20.84 -6.56
C GLY E 175 -52.70 -19.51 -6.49
N PRO E 176 -54.05 -19.48 -6.54
CA PRO E 176 -54.70 -18.21 -6.88
C PRO E 176 -54.35 -17.17 -5.84
N LEU E 177 -53.83 -16.05 -6.31
CA LEU E 177 -53.50 -14.89 -5.47
C LEU E 177 -54.72 -13.99 -5.42
N THR E 178 -55.00 -13.38 -4.27
CA THR E 178 -56.26 -12.63 -4.14
C THR E 178 -56.02 -11.16 -3.75
N ARG E 179 -55.11 -10.93 -2.82
CA ARG E 179 -54.89 -9.57 -2.37
C ARG E 179 -54.09 -8.73 -3.39
N LYS E 180 -54.06 -7.43 -3.18
CA LYS E 180 -53.36 -6.51 -4.05
C LYS E 180 -51.86 -6.82 -4.22
N GLY E 181 -51.21 -7.33 -3.17
CA GLY E 181 -49.79 -7.57 -3.24
C GLY E 181 -49.31 -8.80 -2.47
N PHE E 182 -48.01 -9.04 -2.50
CA PHE E 182 -47.50 -10.18 -1.78
C PHE E 182 -46.04 -10.02 -1.44
N TYR E 183 -45.64 -10.78 -0.44
CA TYR E 183 -44.25 -10.93 -0.05
C TYR E 183 -43.86 -12.36 -0.27
N LEU E 184 -42.54 -12.58 -0.38
CA LEU E 184 -41.94 -13.91 -0.28
C LEU E 184 -40.92 -13.84 0.85
N ALA E 185 -40.67 -14.98 1.50
CA ALA E 185 -39.72 -15.02 2.60
C ALA E 185 -38.88 -16.33 2.59
N PHE E 186 -37.67 -16.28 3.13
CA PHE E 186 -36.76 -17.41 3.14
C PHE E 186 -36.29 -17.64 4.56
N GLN E 187 -36.60 -18.81 5.09
CA GLN E 187 -36.25 -19.17 6.46
C GLN E 187 -35.01 -20.01 6.42
N ASP E 188 -33.95 -19.55 7.04
CA ASP E 188 -32.80 -20.41 7.26
C ASP E 188 -32.89 -21.08 8.64
N ILE E 189 -32.62 -22.39 8.69
CA ILE E 189 -32.63 -23.16 9.92
C ILE E 189 -31.30 -23.82 10.22
N GLY E 190 -30.19 -23.17 9.87
CA GLY E 190 -28.87 -23.71 10.15
C GLY E 190 -28.04 -24.18 8.98
N ALA E 191 -28.41 -23.79 7.77
CA ALA E 191 -27.60 -24.11 6.55
C ALA E 191 -26.66 -23.01 6.12
N CYS E 192 -25.68 -23.38 5.32
CA CYS E 192 -24.73 -22.46 4.73
C CYS E 192 -25.11 -22.15 3.25
N VAL E 193 -25.98 -21.14 3.06
CA VAL E 193 -26.69 -20.90 1.80
C VAL E 193 -26.37 -19.55 1.24
N ALA E 194 -26.28 -19.46 -0.07
CA ALA E 194 -26.10 -18.16 -0.76
C ALA E 194 -27.19 -18.10 -1.78
N LEU E 195 -28.00 -17.07 -1.73
CA LEU E 195 -29.10 -16.90 -2.67
C LEU E 195 -28.70 -15.85 -3.67
N LEU E 196 -28.51 -16.22 -4.94
CA LEU E 196 -28.04 -15.30 -5.99
C LEU E 196 -29.15 -14.71 -6.87
N SER E 197 -30.24 -15.43 -7.06
CA SER E 197 -31.28 -14.93 -7.96
C SER E 197 -32.58 -15.32 -7.39
N VAL E 198 -33.52 -14.39 -7.47
CA VAL E 198 -34.89 -14.62 -7.11
C VAL E 198 -35.73 -13.93 -8.16
N ARG E 199 -36.45 -14.73 -8.94
CA ARG E 199 -37.21 -14.21 -10.05
C ARG E 199 -38.66 -14.65 -9.94
N VAL E 200 -39.59 -13.70 -9.92
CA VAL E 200 -41.01 -14.04 -9.77
C VAL E 200 -41.70 -13.57 -11.01
N TYR E 201 -42.46 -14.43 -11.67
CA TYR E 201 -43.20 -14.04 -12.84
C TYR E 201 -44.57 -14.70 -12.93
N TYR E 202 -45.36 -14.24 -13.88
CA TYR E 202 -46.59 -14.93 -14.27
C TYR E 202 -46.62 -15.07 -15.77
N LYS E 203 -47.40 -16.05 -16.23
CA LYS E 203 -47.51 -16.41 -17.63
C LYS E 203 -48.76 -15.78 -18.14
N LYS E 204 -48.68 -15.11 -19.28
CA LYS E 204 -49.83 -14.35 -19.80
C LYS E 204 -50.82 -15.26 -20.52
N TRP F 56 27.10 -6.97 -39.61
CA TRP F 56 26.61 -8.38 -39.55
C TRP F 56 26.53 -8.81 -38.11
N ASP F 57 25.48 -9.58 -37.76
CA ASP F 57 25.32 -10.18 -36.42
C ASP F 57 24.59 -11.52 -36.48
N LEU F 58 24.92 -12.39 -35.53
CA LEU F 58 24.25 -13.68 -35.38
C LEU F 58 23.06 -13.42 -34.48
N MET F 59 21.88 -13.82 -34.92
CA MET F 59 20.72 -13.63 -34.07
C MET F 59 19.70 -14.74 -34.12
N GLN F 60 19.20 -15.07 -32.93
CA GLN F 60 18.19 -16.08 -32.71
C GLN F 60 16.84 -15.44 -33.03
N ASN F 61 15.96 -16.17 -33.70
CA ASN F 61 14.58 -15.74 -33.88
C ASN F 61 13.73 -16.96 -33.61
N ILE F 62 12.43 -16.78 -33.62
CA ILE F 62 11.54 -17.89 -33.57
C ILE F 62 10.75 -17.92 -34.86
N MET F 63 10.74 -19.07 -35.51
CA MET F 63 9.90 -19.30 -36.67
C MET F 63 9.22 -20.65 -36.46
N ASN F 64 7.89 -20.68 -36.64
CA ASN F 64 7.06 -21.87 -36.43
C ASN F 64 7.17 -22.34 -34.98
N ASP F 65 7.19 -21.39 -34.04
CA ASP F 65 7.37 -21.70 -32.62
C ASP F 65 8.74 -22.29 -32.23
N MET F 66 9.64 -22.50 -33.21
CA MET F 66 10.96 -23.11 -33.00
C MET F 66 12.08 -22.08 -33.16
N PRO F 67 13.19 -22.29 -32.43
CA PRO F 67 14.30 -21.33 -32.61
C PRO F 67 14.98 -21.44 -33.98
N ILE F 68 15.23 -20.33 -34.66
CA ILE F 68 16.18 -20.40 -35.77
C ILE F 68 17.27 -19.33 -35.68
N TYR F 69 18.33 -19.57 -36.43
CA TYR F 69 19.57 -18.84 -36.32
C TYR F 69 20.00 -18.34 -37.68
N MET F 70 20.63 -17.18 -37.69
CA MET F 70 20.85 -16.49 -38.94
C MET F 70 21.75 -15.31 -38.80
N TYR F 71 22.75 -15.26 -39.67
CA TYR F 71 23.52 -14.06 -39.80
C TYR F 71 22.66 -13.06 -40.56
N SER F 72 22.55 -11.86 -40.02
CA SER F 72 21.79 -10.80 -40.68
C SER F 72 22.48 -9.43 -40.52
N VAL F 73 22.30 -8.58 -41.53
CA VAL F 73 22.61 -7.16 -41.43
C VAL F 73 21.50 -6.42 -42.16
N CYS F 74 21.26 -5.16 -41.80
CA CYS F 74 20.20 -4.41 -42.46
C CYS F 74 20.41 -2.90 -42.31
N ASN F 75 21.54 -2.41 -42.82
CA ASN F 75 21.88 -0.98 -42.76
C ASN F 75 21.57 -0.24 -44.07
N VAL F 76 20.31 0.09 -44.31
CA VAL F 76 19.85 0.47 -45.66
C VAL F 76 19.59 1.97 -45.92
N MET F 77 19.75 2.81 -44.90
CA MET F 77 19.60 4.26 -45.08
C MET F 77 20.94 4.98 -45.00
N SER F 78 22.00 4.23 -44.68
CA SER F 78 23.36 4.78 -44.47
C SER F 78 24.02 5.23 -45.80
N GLY F 79 24.63 4.29 -46.52
CA GLY F 79 25.09 4.54 -47.88
C GLY F 79 26.54 4.17 -48.16
N ASP F 80 27.35 4.02 -47.11
CA ASP F 80 28.81 3.74 -47.26
C ASP F 80 29.13 2.39 -46.65
N GLN F 81 28.25 1.42 -46.91
CA GLN F 81 28.33 0.09 -46.33
C GLN F 81 29.35 -0.87 -46.98
N ASP F 82 30.08 -1.58 -46.12
CA ASP F 82 31.13 -2.52 -46.51
C ASP F 82 31.24 -3.54 -45.36
N ASN F 83 30.30 -4.47 -45.27
CA ASN F 83 30.32 -5.42 -44.15
C ASN F 83 30.77 -6.85 -44.49
N TRP F 84 31.62 -7.43 -43.65
CA TRP F 84 32.27 -8.69 -43.91
C TRP F 84 31.97 -9.77 -42.86
N LEU F 85 31.75 -11.01 -43.33
CA LEU F 85 31.44 -12.15 -42.44
C LEU F 85 32.29 -13.38 -42.86
N ARG F 86 32.95 -14.04 -41.91
CA ARG F 86 33.88 -15.16 -42.18
C ARG F 86 33.45 -16.54 -41.66
N LEU F 102 23.85 -21.87 -50.08
CA LEU F 102 23.37 -20.53 -49.68
C LEU F 102 21.83 -20.35 -49.61
N LYS F 103 21.26 -20.33 -48.40
CA LYS F 103 19.82 -20.03 -48.19
C LYS F 103 19.68 -18.69 -47.44
N PHE F 104 18.76 -17.84 -47.91
CA PHE F 104 18.68 -16.47 -47.43
C PHE F 104 17.43 -15.68 -47.86
N THR F 105 17.20 -14.53 -47.23
CA THR F 105 16.16 -13.58 -47.67
C THR F 105 16.66 -12.15 -47.76
N VAL F 106 15.90 -11.37 -48.52
CA VAL F 106 16.14 -9.96 -48.76
C VAL F 106 14.81 -9.19 -48.85
N ARG F 107 14.74 -8.01 -48.21
CA ARG F 107 13.49 -7.23 -48.20
C ARG F 107 13.43 -6.25 -49.39
N ASP F 108 12.21 -5.99 -49.87
CA ASP F 108 11.95 -5.08 -50.99
C ASP F 108 12.27 -3.61 -50.66
N CYS F 109 13.10 -2.98 -51.47
CA CYS F 109 13.58 -1.64 -51.17
C CYS F 109 12.51 -0.57 -51.06
N ASN F 110 11.52 -0.56 -51.95
CA ASN F 110 10.47 0.44 -51.84
C ASN F 110 9.69 0.31 -50.52
N SER F 111 9.94 -0.77 -49.75
CA SER F 111 9.41 -0.91 -48.40
C SER F 111 10.16 -0.07 -47.32
N PHE F 112 11.13 0.74 -47.73
CA PHE F 112 11.75 1.74 -46.85
C PHE F 112 11.61 3.10 -47.49
N PRO F 113 10.77 3.96 -46.91
CA PRO F 113 10.74 5.35 -47.35
C PRO F 113 12.09 6.05 -47.16
N GLY F 114 12.66 6.57 -48.25
CA GLY F 114 13.94 7.29 -48.18
C GLY F 114 15.16 6.47 -48.56
N GLY F 115 14.95 5.19 -48.90
CA GLY F 115 16.04 4.27 -49.25
C GLY F 115 16.38 4.24 -50.73
N ALA F 116 15.62 5.00 -51.53
CA ALA F 116 15.77 5.04 -52.97
C ALA F 116 17.20 4.74 -53.46
N SER F 117 18.19 5.44 -52.88
CA SER F 117 19.60 5.30 -53.25
C SER F 117 20.38 4.34 -52.35
N SER F 118 20.27 4.55 -51.04
CA SER F 118 21.05 3.81 -50.04
C SER F 118 20.70 2.32 -50.00
N CYS F 119 19.41 2.02 -49.99
CA CYS F 119 18.91 0.64 -50.01
C CYS F 119 19.45 -0.10 -51.26
N LYS F 120 19.83 -1.37 -51.13
CA LYS F 120 20.11 -2.24 -52.29
C LYS F 120 19.69 -3.71 -52.07
N GLU F 121 19.47 -4.44 -53.18
CA GLU F 121 18.93 -5.83 -53.15
C GLU F 121 19.95 -6.94 -53.58
N THR F 122 21.23 -6.80 -53.26
CA THR F 122 22.22 -7.86 -53.55
C THR F 122 23.33 -7.94 -52.49
N PHE F 123 23.99 -9.10 -52.41
CA PHE F 123 25.29 -9.17 -51.71
C PHE F 123 26.36 -9.88 -52.55
N ASN F 124 27.51 -10.17 -51.95
CA ASN F 124 28.72 -10.56 -52.69
C ASN F 124 29.58 -11.56 -51.94
N ILE F 149 25.37 -12.81 -56.28
CA ILE F 149 24.19 -13.32 -55.56
C ILE F 149 22.99 -12.36 -55.53
N ALA F 150 21.90 -12.79 -56.15
CA ALA F 150 20.66 -12.00 -56.20
C ALA F 150 19.42 -12.89 -55.93
N PRO F 151 18.39 -12.31 -55.31
CA PRO F 151 17.19 -13.10 -54.98
C PRO F 151 16.13 -13.11 -56.08
N ASP F 152 15.68 -14.29 -56.45
CA ASP F 152 14.56 -14.44 -57.38
C ASP F 152 13.23 -13.99 -56.71
N GLU F 153 13.22 -14.00 -55.38
CA GLU F 153 12.04 -13.70 -54.57
C GLU F 153 12.45 -12.76 -53.44
N ILE F 154 11.84 -11.58 -53.41
CA ILE F 154 12.03 -10.66 -52.30
C ILE F 154 10.77 -10.62 -51.42
N THR F 155 10.99 -10.36 -50.12
CA THR F 155 9.92 -10.17 -49.17
C THR F 155 9.36 -8.76 -49.26
N VAL F 156 8.13 -8.62 -49.76
CA VAL F 156 7.36 -7.36 -49.68
C VAL F 156 6.91 -7.13 -48.23
N SER F 157 6.39 -5.95 -47.95
CA SER F 157 6.21 -5.55 -46.53
C SER F 157 5.14 -6.34 -45.78
N SER F 158 4.04 -6.71 -46.45
CA SER F 158 2.98 -7.51 -45.82
C SER F 158 3.47 -8.91 -45.46
N ASP F 159 4.39 -9.47 -46.25
CA ASP F 159 5.00 -10.76 -45.87
C ASP F 159 6.00 -10.61 -44.73
N PHE F 160 6.67 -9.47 -44.69
CA PHE F 160 7.54 -9.19 -43.56
C PHE F 160 6.63 -9.03 -42.33
N GLU F 161 5.64 -8.14 -42.42
CA GLU F 161 4.69 -7.90 -41.35
C GLU F 161 4.09 -9.18 -40.81
N ALA F 162 3.87 -10.16 -41.70
CA ALA F 162 3.24 -11.44 -41.36
C ALA F 162 4.22 -12.53 -40.93
N ARG F 163 5.50 -12.20 -40.84
CA ARG F 163 6.57 -13.13 -40.43
C ARG F 163 6.69 -14.29 -41.39
N HIS F 164 6.49 -14.00 -42.68
CA HIS F 164 6.61 -15.02 -43.73
C HIS F 164 7.89 -14.75 -44.51
N VAL F 165 8.78 -15.72 -44.39
CA VAL F 165 10.11 -15.71 -44.99
C VAL F 165 10.06 -16.28 -46.41
N LYS F 166 10.03 -15.37 -47.40
CA LYS F 166 10.20 -15.73 -48.80
C LYS F 166 11.66 -16.12 -49.01
N LEU F 167 11.93 -17.43 -49.00
CA LEU F 167 13.30 -17.96 -48.99
C LEU F 167 13.91 -18.11 -50.40
N ASN F 168 15.22 -17.97 -50.49
CA ASN F 168 15.96 -18.04 -51.76
C ASN F 168 17.14 -19.00 -51.64
N VAL F 169 17.36 -19.82 -52.66
CA VAL F 169 18.41 -20.82 -52.61
C VAL F 169 19.39 -20.63 -53.77
N GLU F 170 20.69 -20.75 -53.48
CA GLU F 170 21.76 -20.61 -54.48
C GLU F 170 22.85 -21.65 -54.26
N ALA F 191 21.43 -3.13 -48.04
CA ALA F 191 21.23 -4.58 -48.13
C ALA F 191 20.55 -5.21 -46.89
N CYS F 192 19.23 -5.11 -46.78
CA CYS F 192 18.52 -5.82 -45.69
C CYS F 192 18.43 -7.31 -45.99
N VAL F 193 19.36 -8.10 -45.41
CA VAL F 193 19.63 -9.47 -45.82
C VAL F 193 19.72 -10.41 -44.64
N ALA F 194 19.33 -11.66 -44.83
CA ALA F 194 19.47 -12.66 -43.78
C ALA F 194 19.95 -13.96 -44.40
N LEU F 195 20.90 -14.59 -43.73
CA LEU F 195 21.53 -15.79 -44.23
C LEU F 195 21.24 -16.92 -43.24
N LEU F 196 20.53 -17.95 -43.74
CA LEU F 196 19.91 -18.99 -42.90
C LEU F 196 20.61 -20.34 -42.95
N SER F 197 21.19 -20.69 -44.10
CA SER F 197 22.03 -21.90 -44.22
C SER F 197 23.20 -21.69 -45.19
N VAL F 198 24.21 -22.51 -44.95
CA VAL F 198 25.43 -22.49 -45.71
C VAL F 198 25.79 -23.87 -46.22
#